data_5N0X
#
_entry.id   5N0X
#
_cell.length_a   72.740
_cell.length_b   101.960
_cell.length_c   121.266
_cell.angle_alpha   90.00
_cell.angle_beta   90.00
_cell.angle_gamma   90.00
#
_symmetry.space_group_name_H-M   'P 21 21 21'
#
loop_
_entity.id
_entity.type
_entity.pdbx_description
1 polymer 'Peptide N-Methyltransferase'
2 non-polymer S-ADENOSYLMETHIONINE
3 non-polymer 1,2-ETHANEDIOL
4 non-polymer 'MAGNESIUM ION'
5 water water
#
_entity_poly.entity_id   1
_entity_poly.type   'polypeptide(L)'
_entity_poly.pdbx_seq_one_letter_code
;GTSTQTKAGSLTIVGTGIESIGQMTLQALSYIEAAAKVFYCVIDPATEAFILTKNKNCVDLYQYYDNGKSRLNTYTQMSE
LMVREVRKGLDVVGVFYGHPGVFVNPSHRALAIAKSEGYRARMLPGVSAEDCLFADLCIDPSNPGCLTYEASDFLIRDRP
VSIHSHLVLFQVGCVGIADFNFTGFDNNKFGVLVDRLEQEYGAEHPVVHYIAAMMPHQDPVTDKYTVAQLREPEIAKRVG
GVSTFYIPPKARKASNLDIIRRLELLPAGQVPDKKARIYPANQWEPDVPEVEPYRPSDQAAIAQLADHAPPEQYQPLATS
KAMSDVMTKLALDPKALADYKADHRAFAQSVPDLTPQERAALELGDSWAIRCAMKNMPSSLLDAARESGEEASQNGFPWV
IVV(SAR)(MVA)(IML)(SAR)VIG
;
_entity_poly.pdbx_strand_id   A,B
#
loop_
_chem_comp.id
_chem_comp.type
_chem_comp.name
_chem_comp.formula
EDO non-polymer 1,2-ETHANEDIOL 'C2 H6 O2'
MG non-polymer 'MAGNESIUM ION' 'Mg 2'
SAM non-polymer S-ADENOSYLMETHIONINE 'C15 H22 N6 O5 S'
#
# COMPACT_ATOMS: atom_id res chain seq x y z
N THR A 6 17.51 -27.23 1.24
CA THR A 6 18.90 -27.57 0.83
C THR A 6 19.98 -26.75 1.56
N LYS A 7 19.68 -25.48 1.83
CA LYS A 7 20.69 -24.50 2.26
C LYS A 7 20.18 -23.65 3.41
N ALA A 8 21.01 -23.47 4.44
CA ALA A 8 20.70 -22.58 5.56
C ALA A 8 20.92 -21.12 5.17
N GLY A 9 20.09 -20.24 5.72
CA GLY A 9 20.17 -18.80 5.48
C GLY A 9 18.97 -18.26 4.73
N SER A 10 18.48 -17.09 5.15
CA SER A 10 17.34 -16.47 4.49
C SER A 10 17.38 -14.94 4.54
N LEU A 11 16.66 -14.32 3.60
CA LEU A 11 16.45 -12.86 3.59
C LEU A 11 14.95 -12.55 3.55
N THR A 12 14.47 -11.81 4.54
CA THR A 12 13.12 -11.25 4.53
C THR A 12 13.22 -9.72 4.59
N ILE A 13 12.59 -9.05 3.64
CA ILE A 13 12.57 -7.59 3.58
C ILE A 13 11.17 -7.12 3.96
N VAL A 14 11.11 -6.16 4.89
CA VAL A 14 9.87 -5.64 5.44
C VAL A 14 9.88 -4.11 5.41
N GLY A 15 8.69 -3.54 5.59
CA GLY A 15 8.52 -2.09 5.67
C GLY A 15 8.09 -1.61 7.04
N THR A 16 8.18 -0.29 7.26
CA THR A 16 7.69 0.35 8.48
C THR A 16 6.50 1.30 8.27
N GLY A 17 6.01 1.45 7.03
CA GLY A 17 5.02 2.49 6.77
C GLY A 17 5.60 3.89 6.82
N ILE A 18 4.73 4.89 6.68
CA ILE A 18 5.17 6.29 6.56
C ILE A 18 5.10 7.02 7.91
N GLU A 19 3.96 6.95 8.59
CA GLU A 19 3.79 7.63 9.89
C GLU A 19 4.45 6.79 10.98
N SER A 20 5.32 7.44 11.77
N SER A 20 5.33 7.42 11.76
CA SER A 20 6.18 6.78 12.76
CA SER A 20 6.23 6.71 12.65
C SER A 20 5.49 5.71 13.62
C SER A 20 5.53 5.73 13.60
N ILE A 21 6.01 4.48 13.56
CA ILE A 21 5.59 3.36 14.42
C ILE A 21 4.20 2.79 14.15
N GLY A 22 3.17 3.63 14.24
CA GLY A 22 1.79 3.20 14.04
C GLY A 22 1.50 2.50 12.73
N GLN A 23 2.21 2.85 11.66
CA GLN A 23 1.96 2.24 10.34
C GLN A 23 2.83 0.99 10.04
N MET A 24 3.59 0.49 11.02
CA MET A 24 4.22 -0.85 10.90
C MET A 24 3.17 -1.94 11.05
N THR A 25 3.29 -3.00 10.23
CA THR A 25 2.38 -4.17 10.33
C THR A 25 2.83 -5.12 11.45
N LEU A 26 1.86 -5.88 11.99
CA LEU A 26 2.16 -6.83 13.06
C LEU A 26 3.22 -7.84 12.62
N GLN A 27 3.16 -8.30 11.36
CA GLN A 27 4.15 -9.24 10.86
C GLN A 27 5.54 -8.61 10.64
N ALA A 28 5.63 -7.36 10.18
CA ALA A 28 6.95 -6.71 10.08
C ALA A 28 7.64 -6.65 11.45
N LEU A 29 6.87 -6.29 12.48
CA LEU A 29 7.39 -6.24 13.85
C LEU A 29 7.87 -7.62 14.32
N SER A 30 7.07 -8.66 14.11
CA SER A 30 7.42 -10.00 14.62
C SER A 30 8.67 -10.59 13.92
N TYR A 31 8.81 -10.34 12.62
CA TYR A 31 10.02 -10.76 11.86
C TYR A 31 11.28 -9.98 12.31
N ILE A 32 11.14 -8.69 12.60
CA ILE A 32 12.24 -7.87 13.17
C ILE A 32 12.72 -8.47 14.51
N GLU A 33 11.78 -8.82 15.39
CA GLU A 33 12.10 -9.44 16.70
C GLU A 33 12.78 -10.81 16.60
N ALA A 34 12.32 -11.61 15.64
CA ALA A 34 12.86 -12.97 15.45
C ALA A 34 14.21 -13.04 14.71
N ALA A 35 14.63 -11.94 14.06
CA ALA A 35 15.83 -11.97 13.21
C ALA A 35 17.17 -12.17 13.95
N ALA A 36 18.12 -12.82 13.25
CA ALA A 36 19.49 -12.97 13.72
C ALA A 36 20.29 -11.67 13.52
N LYS A 37 20.07 -11.01 12.39
CA LYS A 37 20.67 -9.69 12.10
C LYS A 37 19.65 -8.82 11.39
N VAL A 38 19.62 -7.52 11.74
CA VAL A 38 18.70 -6.53 11.12
C VAL A 38 19.50 -5.41 10.44
N PHE A 39 19.10 -5.05 9.23
CA PHE A 39 19.64 -3.89 8.53
C PHE A 39 18.47 -2.97 8.21
N TYR A 40 18.57 -1.69 8.54
CA TYR A 40 17.45 -0.76 8.37
C TYR A 40 17.81 0.55 7.66
N CYS A 41 16.83 1.11 6.94
CA CYS A 41 16.94 2.43 6.34
C CYS A 41 15.60 3.16 6.51
N VAL A 42 15.53 3.99 7.55
CA VAL A 42 14.32 4.79 7.88
C VAL A 42 14.71 6.27 7.99
N ILE A 43 13.72 7.16 8.02
CA ILE A 43 14.02 8.59 7.96
C ILE A 43 13.42 9.44 9.08
N ASP A 44 13.02 8.82 10.19
CA ASP A 44 12.73 9.59 11.40
C ASP A 44 13.28 8.88 12.62
N PRO A 45 13.67 9.65 13.64
CA PRO A 45 14.38 9.08 14.78
C PRO A 45 13.54 8.20 15.72
N ALA A 46 12.24 8.45 15.85
CA ALA A 46 11.43 7.65 16.77
C ALA A 46 11.22 6.23 16.26
N THR A 47 11.05 6.06 14.94
CA THR A 47 11.03 4.72 14.33
C THR A 47 12.37 4.00 14.48
N GLU A 48 13.47 4.71 14.25
CA GLU A 48 14.79 4.13 14.45
C GLU A 48 14.95 3.62 15.90
N ALA A 49 14.59 4.46 16.86
CA ALA A 49 14.74 4.11 18.29
C ALA A 49 13.90 2.87 18.64
N PHE A 50 12.67 2.83 18.10
CA PHE A 50 11.75 1.71 18.28
C PHE A 50 12.33 0.40 17.74
N ILE A 51 12.90 0.44 16.53
CA ILE A 51 13.53 -0.75 15.94
C ILE A 51 14.64 -1.28 16.86
N LEU A 52 15.46 -0.37 17.36
CA LEU A 52 16.58 -0.74 18.24
C LEU A 52 16.17 -1.36 19.60
N THR A 53 14.94 -1.09 20.07
CA THR A 53 14.39 -1.77 21.26
C THR A 53 13.91 -3.20 20.97
N LYS A 54 13.72 -3.54 19.68
CA LYS A 54 13.13 -4.84 19.28
C LYS A 54 14.13 -5.92 18.83
N ASN A 55 15.37 -5.54 18.53
CA ASN A 55 16.43 -6.51 18.20
C ASN A 55 17.80 -5.98 18.60
N LYS A 56 18.60 -6.83 19.23
CA LYS A 56 19.89 -6.43 19.78
C LYS A 56 21.02 -6.26 18.74
N ASN A 57 20.79 -6.70 17.49
CA ASN A 57 21.85 -6.75 16.49
C ASN A 57 21.42 -6.05 15.20
N CYS A 58 21.42 -4.70 15.23
CA CYS A 58 20.96 -3.87 14.09
C CYS A 58 22.10 -3.02 13.51
N VAL A 59 22.03 -2.78 12.20
CA VAL A 59 22.95 -1.91 11.48
C VAL A 59 22.19 -0.88 10.63
N ASP A 60 22.57 0.38 10.77
CA ASP A 60 21.95 1.48 10.02
C ASP A 60 22.56 1.56 8.61
N LEU A 61 21.75 1.27 7.60
CA LEU A 61 22.20 1.33 6.20
C LEU A 61 22.42 2.78 5.70
N TYR A 62 21.80 3.75 6.36
CA TYR A 62 21.84 5.17 5.94
C TYR A 62 23.26 5.74 5.92
N GLN A 63 24.17 5.17 6.73
CA GLN A 63 25.57 5.58 6.73
C GLN A 63 26.33 5.34 5.42
N TYR A 64 25.75 4.58 4.49
CA TYR A 64 26.39 4.30 3.21
C TYR A 64 26.05 5.32 2.09
N TYR A 65 25.21 6.30 2.40
CA TYR A 65 25.10 7.52 1.58
C TYR A 65 26.24 8.46 1.94
N ASP A 66 26.53 9.41 1.05
CA ASP A 66 27.56 10.45 1.27
C ASP A 66 27.46 11.57 0.23
N ASN A 67 28.06 12.72 0.51
CA ASN A 67 27.99 13.90 -0.37
C ASN A 67 28.65 13.65 -1.72
N GLY A 68 27.93 13.95 -2.80
CA GLY A 68 28.42 13.76 -4.16
C GLY A 68 28.64 12.32 -4.61
N LYS A 69 28.10 11.37 -3.87
CA LYS A 69 28.28 9.94 -4.12
C LYS A 69 27.01 9.46 -4.80
N SER A 70 27.15 8.69 -5.88
CA SER A 70 26.01 8.20 -6.64
C SER A 70 25.14 7.33 -5.76
N ARG A 71 23.84 7.53 -5.84
CA ARG A 71 22.89 6.71 -5.10
C ARG A 71 23.03 5.23 -5.55
N LEU A 72 23.32 5.01 -6.84
CA LEU A 72 23.59 3.66 -7.36
C LEU A 72 24.67 2.88 -6.61
N ASN A 73 25.80 3.54 -6.29
CA ASN A 73 26.89 2.88 -5.54
C ASN A 73 26.46 2.52 -4.10
N THR A 74 25.75 3.44 -3.45
CA THR A 74 25.18 3.15 -2.12
C THR A 74 24.24 1.93 -2.17
N TYR A 75 23.41 1.84 -3.20
CA TYR A 75 22.45 0.72 -3.29
C TYR A 75 23.15 -0.63 -3.44
N THR A 76 24.24 -0.68 -4.21
CA THR A 76 24.99 -1.93 -4.37
C THR A 76 25.63 -2.37 -3.05
N GLN A 77 26.14 -1.41 -2.27
CA GLN A 77 26.74 -1.70 -0.95
C GLN A 77 25.69 -2.21 0.05
N MET A 78 24.53 -1.54 0.09
CA MET A 78 23.41 -1.95 0.96
C MET A 78 23.00 -3.41 0.72
N SER A 79 22.77 -3.75 -0.56
CA SER A 79 22.38 -5.12 -0.93
C SER A 79 23.45 -6.15 -0.58
N GLU A 80 24.71 -5.83 -0.82
CA GLU A 80 25.80 -6.76 -0.52
C GLU A 80 26.02 -7.04 0.97
N LEU A 81 25.86 -6.02 1.81
CA LEU A 81 25.94 -6.19 3.28
C LEU A 81 24.90 -7.19 3.82
N MET A 82 23.69 -7.15 3.27
CA MET A 82 22.61 -8.05 3.69
C MET A 82 22.89 -9.49 3.24
N VAL A 83 23.24 -9.65 1.97
CA VAL A 83 23.46 -10.97 1.37
C VAL A 83 24.73 -11.65 1.94
N ARG A 84 25.69 -10.86 2.44
CA ARG A 84 26.87 -11.41 3.11
C ARG A 84 26.49 -12.19 4.37
N GLU A 85 25.54 -11.68 5.14
CA GLU A 85 25.06 -12.38 6.34
C GLU A 85 24.18 -13.57 6.00
N VAL A 86 23.48 -13.50 4.87
CA VAL A 86 22.72 -14.65 4.34
C VAL A 86 23.68 -15.81 4.01
N ARG A 87 24.78 -15.52 3.32
CA ARG A 87 25.81 -16.53 2.99
C ARG A 87 26.44 -17.22 4.20
N LYS A 88 26.44 -16.55 5.35
CA LYS A 88 26.88 -17.15 6.63
C LYS A 88 25.83 -18.07 7.28
N GLY A 89 24.71 -18.33 6.61
CA GLY A 89 23.68 -19.25 7.10
C GLY A 89 22.68 -18.66 8.08
N LEU A 90 22.57 -17.33 8.11
CA LEU A 90 21.75 -16.64 9.12
C LEU A 90 20.41 -16.16 8.56
N ASP A 91 19.43 -16.01 9.45
CA ASP A 91 18.13 -15.45 9.11
C ASP A 91 18.19 -13.91 9.24
N VAL A 92 18.18 -13.22 8.10
CA VAL A 92 18.46 -11.79 8.01
C VAL A 92 17.17 -11.05 7.63
N VAL A 93 16.95 -9.88 8.25
CA VAL A 93 15.81 -9.00 7.93
C VAL A 93 16.33 -7.62 7.51
N GLY A 94 15.89 -7.16 6.34
CA GLY A 94 16.11 -5.79 5.87
C GLY A 94 14.83 -4.99 6.07
N VAL A 95 14.99 -3.72 6.45
CA VAL A 95 13.87 -2.87 6.81
C VAL A 95 13.99 -1.56 6.03
N PHE A 96 12.97 -1.21 5.25
CA PHE A 96 12.91 0.09 4.57
C PHE A 96 11.62 0.83 4.92
N TYR A 97 11.66 2.15 5.04
CA TYR A 97 10.44 2.89 5.40
C TYR A 97 9.38 2.79 4.28
N GLY A 98 8.12 2.92 4.67
CA GLY A 98 6.98 2.72 3.74
C GLY A 98 6.76 1.26 3.37
N HIS A 99 6.52 1.02 2.07
CA HIS A 99 6.53 -0.32 1.47
C HIS A 99 7.95 -0.50 0.90
N PRO A 100 8.62 -1.61 1.24
CA PRO A 100 10.04 -1.74 0.92
C PRO A 100 10.34 -2.04 -0.56
N GLY A 101 9.30 -2.18 -1.39
CA GLY A 101 9.42 -2.43 -2.82
C GLY A 101 8.79 -1.36 -3.70
N VAL A 102 8.40 -0.22 -3.12
CA VAL A 102 7.74 0.88 -3.86
C VAL A 102 8.73 2.03 -3.90
N PHE A 103 9.28 2.27 -5.10
CA PHE A 103 10.36 3.23 -5.31
C PHE A 103 11.56 2.97 -4.35
N VAL A 104 12.00 1.71 -4.28
CA VAL A 104 13.19 1.30 -3.51
C VAL A 104 14.04 0.35 -4.37
N ASN A 105 15.23 0.78 -4.77
CA ASN A 105 16.17 -0.03 -5.55
C ASN A 105 16.83 -1.24 -4.82
N PRO A 106 17.46 -1.02 -3.65
CA PRO A 106 18.30 -2.08 -3.07
C PRO A 106 17.59 -3.35 -2.58
N SER A 107 16.31 -3.23 -2.23
CA SER A 107 15.53 -4.39 -1.76
C SER A 107 15.38 -5.44 -2.87
N HIS A 108 14.96 -5.01 -4.06
CA HIS A 108 14.82 -5.92 -5.22
C HIS A 108 16.15 -6.59 -5.60
N ARG A 109 17.22 -5.79 -5.60
CA ARG A 109 18.56 -6.29 -5.89
C ARG A 109 18.98 -7.41 -4.92
N ALA A 110 18.86 -7.16 -3.62
CA ALA A 110 19.28 -8.13 -2.60
C ALA A 110 18.46 -9.41 -2.67
N LEU A 111 17.13 -9.27 -2.85
CA LEU A 111 16.26 -10.44 -2.99
C LEU A 111 16.58 -11.28 -4.22
N ALA A 112 16.85 -10.63 -5.36
CA ALA A 112 17.16 -11.37 -6.59
C ALA A 112 18.49 -12.13 -6.51
N ILE A 113 19.50 -11.53 -5.87
CA ILE A 113 20.80 -12.19 -5.67
C ILE A 113 20.63 -13.42 -4.75
N ALA A 114 19.98 -13.23 -3.60
CA ALA A 114 19.71 -14.33 -2.66
C ALA A 114 18.94 -15.51 -3.28
N LYS A 115 17.93 -15.21 -4.10
CA LYS A 115 17.16 -16.24 -4.82
C LYS A 115 18.03 -17.00 -5.83
N SER A 116 18.77 -16.26 -6.64
CA SER A 116 19.60 -16.90 -7.67
C SER A 116 20.69 -17.82 -7.07
N GLU A 117 21.16 -17.49 -5.86
CA GLU A 117 22.17 -18.30 -5.16
C GLU A 117 21.60 -19.51 -4.38
N GLY A 118 20.27 -19.57 -4.25
CA GLY A 118 19.57 -20.73 -3.65
C GLY A 118 19.05 -20.59 -2.23
N TYR A 119 19.04 -19.36 -1.70
CA TYR A 119 18.54 -19.09 -0.35
C TYR A 119 17.07 -18.70 -0.40
N ARG A 120 16.35 -18.94 0.70
CA ARG A 120 14.96 -18.50 0.81
C ARG A 120 14.93 -16.96 0.81
N ALA A 121 13.98 -16.39 0.07
CA ALA A 121 13.89 -14.94 -0.01
C ALA A 121 12.46 -14.48 -0.23
N ARG A 122 12.03 -13.49 0.56
CA ARG A 122 10.65 -12.99 0.50
C ARG A 122 10.57 -11.52 0.89
N MET A 123 9.64 -10.79 0.26
CA MET A 123 9.29 -9.42 0.66
C MET A 123 7.90 -9.43 1.29
N LEU A 124 7.77 -8.76 2.44
CA LEU A 124 6.47 -8.52 3.07
C LEU A 124 6.04 -7.10 2.72
N PRO A 125 4.81 -6.93 2.20
CA PRO A 125 4.36 -5.60 1.83
C PRO A 125 4.11 -4.67 3.04
N GLY A 126 4.18 -3.36 2.80
CA GLY A 126 3.87 -2.31 3.77
C GLY A 126 3.03 -1.19 3.18
N VAL A 127 2.73 -0.21 4.05
CA VAL A 127 1.97 0.99 3.68
C VAL A 127 2.86 2.04 3.00
N SER A 128 2.56 2.36 1.73
CA SER A 128 3.35 3.33 0.96
C SER A 128 2.82 4.77 1.09
N ALA A 129 3.61 5.69 0.56
CA ALA A 129 3.22 7.08 0.46
C ALA A 129 1.99 7.24 -0.43
N GLU A 130 1.85 6.38 -1.45
CA GLU A 130 0.63 6.40 -2.28
C GLU A 130 -0.60 5.91 -1.49
N ASP A 131 -0.43 4.88 -0.66
CA ASP A 131 -1.50 4.46 0.25
C ASP A 131 -1.96 5.61 1.17
N CYS A 132 -1.00 6.33 1.76
CA CYS A 132 -1.31 7.54 2.56
C CYS A 132 -2.06 8.63 1.76
N LEU A 133 -1.60 8.88 0.53
CA LEU A 133 -2.23 9.86 -0.38
C LEU A 133 -3.71 9.55 -0.62
N PHE A 134 -4.04 8.29 -0.92
CA PHE A 134 -5.45 7.91 -1.14
C PHE A 134 -6.28 8.25 0.11
N ALA A 135 -5.74 7.90 1.30
CA ALA A 135 -6.42 8.12 2.57
C ALA A 135 -6.63 9.60 2.93
N ASP A 136 -5.59 10.42 2.74
CA ASP A 136 -5.60 11.84 3.13
C ASP A 136 -6.27 12.77 2.11
N LEU A 137 -6.17 12.47 0.81
CA LEU A 137 -6.86 13.24 -0.25
C LEU A 137 -8.28 12.75 -0.55
N CYS A 138 -8.66 11.64 0.07
CA CYS A 138 -10.03 11.09 -0.05
C CYS A 138 -10.38 10.74 -1.50
N ILE A 139 -9.49 9.97 -2.14
CA ILE A 139 -9.70 9.45 -3.50
C ILE A 139 -9.52 7.93 -3.53
N ASP A 140 -10.09 7.29 -4.54
CA ASP A 140 -10.00 5.84 -4.75
C ASP A 140 -9.36 5.60 -6.13
N PRO A 141 -8.27 4.81 -6.21
CA PRO A 141 -7.73 4.54 -7.56
C PRO A 141 -8.75 3.92 -8.55
N SER A 142 -9.77 3.21 -8.04
N SER A 142 -9.76 3.21 -8.04
CA SER A 142 -10.83 2.65 -8.91
CA SER A 142 -10.84 2.65 -8.88
C SER A 142 -11.56 3.68 -9.77
C SER A 142 -11.57 3.67 -9.76
N ASN A 143 -11.73 4.91 -9.27
CA ASN A 143 -12.60 5.91 -9.90
C ASN A 143 -11.83 7.21 -10.04
N PRO A 144 -11.20 7.51 -11.19
CA PRO A 144 -11.41 6.85 -12.50
C PRO A 144 -10.14 6.20 -13.06
N GLY A 145 -9.45 5.41 -12.25
CA GLY A 145 -8.18 4.81 -12.67
C GLY A 145 -7.01 5.64 -12.17
N CYS A 146 -5.83 5.01 -12.06
CA CYS A 146 -4.66 5.71 -11.51
C CYS A 146 -3.38 5.37 -12.26
N LEU A 147 -2.64 6.42 -12.67
CA LEU A 147 -1.30 6.31 -13.29
C LEU A 147 -0.26 6.79 -12.26
N THR A 148 0.79 5.99 -12.03
CA THR A 148 1.83 6.29 -11.03
C THR A 148 3.21 6.23 -11.72
N TYR A 149 3.95 7.32 -11.63
CA TYR A 149 5.30 7.43 -12.25
C TYR A 149 6.34 8.06 -11.32
N GLU A 150 7.61 7.72 -11.57
CA GLU A 150 8.76 8.47 -11.05
C GLU A 150 8.92 9.73 -11.91
N ALA A 151 9.06 10.90 -11.29
CA ALA A 151 9.00 12.17 -12.04
C ALA A 151 10.08 12.31 -13.15
N SER A 152 11.32 11.91 -12.88
CA SER A 152 12.38 12.00 -13.88
C SER A 152 12.14 11.03 -15.05
N ASP A 153 11.78 9.79 -14.75
CA ASP A 153 11.41 8.78 -15.76
C ASP A 153 10.23 9.26 -16.62
N PHE A 154 9.22 9.84 -15.97
CA PHE A 154 8.07 10.46 -16.65
C PHE A 154 8.51 11.41 -17.79
N LEU A 155 9.54 12.23 -17.53
CA LEU A 155 10.07 13.15 -18.52
C LEU A 155 10.98 12.46 -19.55
N ILE A 156 11.92 11.64 -19.07
CA ILE A 156 12.99 11.09 -19.94
C ILE A 156 12.45 10.10 -20.99
N ARG A 157 11.49 9.27 -20.59
N ARG A 157 11.50 9.25 -20.59
CA ARG A 157 10.87 8.27 -21.48
CA ARG A 157 10.88 8.28 -21.52
C ARG A 157 9.50 8.72 -22.00
C ARG A 157 9.54 8.74 -22.09
N ASP A 158 9.18 10.02 -21.87
CA ASP A 158 7.93 10.61 -22.41
C ASP A 158 6.69 9.74 -22.12
N ARG A 159 6.53 9.39 -20.84
CA ARG A 159 5.47 8.48 -20.42
C ARG A 159 4.12 9.19 -20.65
N PRO A 160 3.11 8.46 -21.18
CA PRO A 160 1.83 9.10 -21.51
C PRO A 160 1.06 9.57 -20.28
N VAL A 161 0.46 10.76 -20.39
CA VAL A 161 -0.58 11.18 -19.45
C VAL A 161 -1.96 10.67 -19.90
N SER A 162 -2.89 10.56 -18.94
CA SER A 162 -4.30 10.37 -19.22
C SER A 162 -5.12 11.42 -18.44
N ILE A 163 -5.67 12.38 -19.19
CA ILE A 163 -6.39 13.50 -18.57
C ILE A 163 -7.71 13.11 -17.90
N HIS A 164 -8.16 11.87 -18.08
CA HIS A 164 -9.39 11.39 -17.46
C HIS A 164 -9.14 10.50 -16.23
N SER A 165 -7.88 10.28 -15.85
CA SER A 165 -7.58 9.44 -14.69
C SER A 165 -6.74 10.22 -13.67
N HIS A 166 -6.63 9.69 -12.45
CA HIS A 166 -5.70 10.26 -11.44
C HIS A 166 -4.26 10.13 -11.93
N LEU A 167 -3.40 11.11 -11.61
CA LEU A 167 -1.94 11.01 -11.87
C LEU A 167 -1.20 11.26 -10.55
N VAL A 168 -0.27 10.35 -10.21
CA VAL A 168 0.58 10.49 -9.00
C VAL A 168 2.05 10.47 -9.43
N LEU A 169 2.82 11.48 -9.01
CA LEU A 169 4.27 11.58 -9.33
C LEU A 169 5.13 11.59 -8.07
N PHE A 170 6.03 10.59 -7.96
CA PHE A 170 7.00 10.47 -6.86
C PHE A 170 8.31 11.20 -7.25
N GLN A 171 9.09 11.60 -6.24
CA GLN A 171 10.46 12.16 -6.45
C GLN A 171 10.48 13.45 -7.28
N VAL A 172 9.44 14.27 -7.07
CA VAL A 172 9.32 15.62 -7.64
C VAL A 172 10.35 16.61 -7.07
N GLY A 173 10.89 16.31 -5.88
CA GLY A 173 11.94 17.12 -5.29
C GLY A 173 13.36 16.91 -5.79
N CYS A 174 13.59 15.97 -6.72
CA CYS A 174 14.96 15.73 -7.22
C CYS A 174 14.98 15.36 -8.71
N VAL A 175 14.42 16.26 -9.49
CA VAL A 175 14.28 16.05 -10.93
C VAL A 175 15.68 16.05 -11.58
N GLY A 176 16.04 14.93 -12.23
CA GLY A 176 17.33 14.79 -12.91
C GLY A 176 18.56 14.66 -12.02
N ILE A 177 18.36 14.33 -10.74
CA ILE A 177 19.43 14.33 -9.75
C ILE A 177 19.79 12.90 -9.36
N ALA A 178 21.03 12.51 -9.61
CA ALA A 178 21.51 11.14 -9.35
C ALA A 178 22.27 10.95 -8.00
N ASP A 179 22.86 12.03 -7.48
N ASP A 179 22.85 12.02 -7.47
CA ASP A 179 23.70 11.96 -6.27
CA ASP A 179 23.70 11.97 -6.28
C ASP A 179 22.94 12.34 -4.98
C ASP A 179 22.95 12.36 -5.00
N PHE A 180 23.63 12.21 -3.86
CA PHE A 180 23.07 12.49 -2.53
C PHE A 180 23.75 13.71 -1.92
N ASN A 181 23.01 14.42 -1.06
CA ASN A 181 23.56 15.50 -0.25
C ASN A 181 22.80 15.57 1.09
N PHE A 182 23.55 15.57 2.20
CA PHE A 182 22.96 15.53 3.56
C PHE A 182 22.04 16.72 3.87
N THR A 183 22.38 17.90 3.36
CA THR A 183 21.62 19.12 3.63
C THR A 183 20.31 19.12 2.85
N GLY A 184 20.41 18.91 1.54
CA GLY A 184 19.24 18.81 0.66
C GLY A 184 19.60 18.96 -0.80
N PHE A 185 18.58 18.94 -1.65
CA PHE A 185 18.76 19.06 -3.09
C PHE A 185 18.68 20.52 -3.54
N ASP A 186 19.48 20.85 -4.54
CA ASP A 186 19.26 22.06 -5.34
C ASP A 186 18.44 21.60 -6.55
N ASN A 187 17.11 21.68 -6.42
CA ASN A 187 16.19 21.10 -7.41
C ASN A 187 16.02 22.03 -8.63
N ASN A 188 17.15 22.38 -9.26
CA ASN A 188 17.17 23.45 -10.27
C ASN A 188 16.64 23.05 -11.66
N LYS A 189 16.28 21.78 -11.86
CA LYS A 189 15.62 21.32 -13.11
C LYS A 189 14.12 21.10 -12.94
N PHE A 190 13.56 21.52 -11.80
CA PHE A 190 12.13 21.41 -11.51
C PHE A 190 11.27 22.09 -12.59
N GLY A 191 11.78 23.19 -13.16
CA GLY A 191 11.10 23.89 -14.26
C GLY A 191 10.79 23.08 -15.51
N VAL A 192 11.62 22.07 -15.78
CA VAL A 192 11.41 21.16 -16.91
C VAL A 192 10.14 20.31 -16.65
N LEU A 193 9.96 19.87 -15.41
CA LEU A 193 8.72 19.18 -14.98
C LEU A 193 7.50 20.09 -15.13
N VAL A 194 7.61 21.34 -14.67
CA VAL A 194 6.46 22.28 -14.72
C VAL A 194 6.05 22.53 -16.20
N ASP A 195 7.04 22.65 -17.10
CA ASP A 195 6.78 22.81 -18.53
C ASP A 195 5.98 21.65 -19.16
N ARG A 196 6.31 20.41 -18.79
CA ARG A 196 5.58 19.24 -19.30
C ARG A 196 4.14 19.23 -18.79
N LEU A 197 3.97 19.56 -17.50
CA LEU A 197 2.62 19.64 -16.92
C LEU A 197 1.77 20.74 -17.56
N GLU A 198 2.38 21.89 -17.90
CA GLU A 198 1.65 22.96 -18.61
C GLU A 198 1.25 22.53 -20.03
N GLN A 199 2.15 21.87 -20.74
CA GLN A 199 1.86 21.31 -22.07
C GLN A 199 0.69 20.32 -22.05
N GLU A 200 0.65 19.43 -21.06
CA GLU A 200 -0.36 18.37 -21.01
C GLU A 200 -1.72 18.79 -20.41
N TYR A 201 -1.70 19.68 -19.42
CA TYR A 201 -2.90 20.01 -18.62
C TYR A 201 -3.39 21.45 -18.69
N GLY A 202 -2.52 22.39 -19.03
CA GLY A 202 -2.85 23.82 -19.07
C GLY A 202 -2.38 24.56 -17.82
N ALA A 203 -2.16 25.87 -17.98
CA ALA A 203 -1.58 26.72 -16.92
C ALA A 203 -2.43 26.83 -15.65
N GLU A 204 -3.75 26.81 -15.79
CA GLU A 204 -4.66 26.95 -14.63
C GLU A 204 -5.15 25.62 -14.02
N HIS A 205 -4.64 24.47 -14.49
CA HIS A 205 -5.06 23.17 -13.94
C HIS A 205 -4.47 22.94 -12.52
N PRO A 206 -5.23 22.30 -11.61
CA PRO A 206 -4.72 22.03 -10.26
C PRO A 206 -3.59 21.02 -10.15
N VAL A 207 -2.65 21.28 -9.24
CA VAL A 207 -1.67 20.30 -8.78
C VAL A 207 -1.68 20.37 -7.23
N VAL A 208 -1.85 19.21 -6.60
CA VAL A 208 -1.84 19.13 -5.14
C VAL A 208 -0.45 18.69 -4.68
N HIS A 209 0.19 19.54 -3.88
CA HIS A 209 1.45 19.21 -3.21
C HIS A 209 1.14 18.43 -1.93
N TYR A 210 1.55 17.16 -1.88
CA TYR A 210 1.22 16.24 -0.79
C TYR A 210 2.47 15.81 0.01
N ILE A 211 2.43 16.03 1.33
CA ILE A 211 3.40 15.41 2.26
C ILE A 211 2.61 14.78 3.41
N ALA A 212 2.64 13.45 3.49
CA ALA A 212 1.99 12.73 4.59
C ALA A 212 2.69 13.06 5.90
N ALA A 213 1.92 13.16 6.98
CA ALA A 213 2.48 13.34 8.32
C ALA A 213 3.43 12.19 8.67
N MET A 214 4.63 12.55 9.11
CA MET A 214 5.62 11.57 9.55
C MET A 214 5.53 11.30 11.07
N MET A 215 5.19 12.31 11.86
CA MET A 215 4.95 12.14 13.30
C MET A 215 3.45 12.03 13.57
N PRO A 216 3.05 11.25 14.61
CA PRO A 216 1.61 11.02 14.88
C PRO A 216 0.73 12.26 15.14
N HIS A 217 1.32 13.35 15.63
CA HIS A 217 0.61 14.58 15.93
C HIS A 217 0.54 15.61 14.79
N GLN A 218 1.33 15.40 13.73
CA GLN A 218 1.38 16.33 12.59
C GLN A 218 0.16 16.23 11.69
N ASP A 219 -0.13 17.31 10.98
CA ASP A 219 -1.12 17.31 9.93
C ASP A 219 -0.42 17.09 8.58
N PRO A 220 -1.12 16.46 7.62
CA PRO A 220 -0.54 16.36 6.27
C PRO A 220 -0.53 17.72 5.56
N VAL A 221 0.38 17.88 4.61
CA VAL A 221 0.37 19.02 3.68
C VAL A 221 -0.48 18.57 2.52
N THR A 222 -1.55 19.33 2.22
CA THR A 222 -2.45 19.06 1.10
C THR A 222 -2.78 20.37 0.35
N ASP A 223 -1.73 21.03 -0.16
CA ASP A 223 -1.86 22.38 -0.73
C ASP A 223 -2.10 22.34 -2.24
N LYS A 224 -3.19 22.95 -2.68
N LYS A 224 -3.21 22.91 -2.67
CA LYS A 224 -3.61 22.98 -4.08
CA LYS A 224 -3.57 22.96 -4.09
C LYS A 224 -3.01 24.23 -4.75
C LYS A 224 -2.98 24.22 -4.72
N TYR A 225 -2.28 24.04 -5.84
CA TYR A 225 -1.69 25.15 -6.64
C TYR A 225 -2.21 25.01 -8.06
N THR A 226 -2.04 26.05 -8.88
CA THR A 226 -2.14 25.90 -10.33
C THR A 226 -0.77 25.50 -10.86
N VAL A 227 -0.74 24.91 -12.05
CA VAL A 227 0.55 24.61 -12.72
C VAL A 227 1.43 25.87 -12.80
N ALA A 228 0.85 26.99 -13.23
CA ALA A 228 1.56 28.26 -13.36
C ALA A 228 2.21 28.74 -12.04
N GLN A 229 1.49 28.55 -10.93
CA GLN A 229 2.01 28.91 -9.59
C GLN A 229 3.31 28.19 -9.22
N LEU A 230 3.53 27.00 -9.76
CA LEU A 230 4.76 26.22 -9.49
C LEU A 230 6.05 26.87 -10.04
N ARG A 231 5.91 27.85 -10.93
CA ARG A 231 7.05 28.65 -11.41
C ARG A 231 7.54 29.71 -10.42
N GLU A 232 6.74 30.01 -9.39
CA GLU A 232 7.04 31.08 -8.45
C GLU A 232 8.06 30.57 -7.43
N PRO A 233 9.19 31.31 -7.22
CA PRO A 233 10.28 30.78 -6.39
C PRO A 233 9.92 30.35 -4.97
N GLU A 234 9.08 31.13 -4.29
CA GLU A 234 8.63 30.79 -2.92
C GLU A 234 7.78 29.52 -2.86
N ILE A 235 7.11 29.16 -3.95
CA ILE A 235 6.31 27.92 -4.01
C ILE A 235 7.18 26.71 -4.35
N ALA A 236 8.02 26.85 -5.37
CA ALA A 236 8.95 25.78 -5.78
C ALA A 236 9.86 25.27 -4.64
N LYS A 237 10.36 26.17 -3.81
CA LYS A 237 11.29 25.77 -2.73
C LYS A 237 10.62 25.00 -1.57
N ARG A 238 9.29 25.00 -1.51
CA ARG A 238 8.54 24.13 -0.59
C ARG A 238 8.55 22.65 -0.99
N VAL A 239 8.88 22.35 -2.24
CA VAL A 239 8.93 20.98 -2.76
C VAL A 239 10.30 20.36 -2.41
N GLY A 240 10.27 19.26 -1.64
CA GLY A 240 11.46 18.66 -1.03
C GLY A 240 11.55 17.14 -1.21
N GLY A 241 12.39 16.52 -0.40
CA GLY A 241 12.64 15.07 -0.49
C GLY A 241 11.51 14.11 -0.11
N VAL A 242 10.50 14.59 0.60
CA VAL A 242 9.33 13.76 0.95
C VAL A 242 8.04 14.27 0.28
N SER A 243 8.19 15.01 -0.83
CA SER A 243 7.03 15.57 -1.56
C SER A 243 6.59 14.68 -2.71
N THR A 244 5.26 14.52 -2.85
CA THR A 244 4.64 13.81 -3.97
C THR A 244 3.58 14.75 -4.58
N PHE A 245 3.36 14.67 -5.89
CA PHE A 245 2.29 15.43 -6.54
C PHE A 245 1.10 14.54 -6.91
N TYR A 246 -0.12 15.06 -6.70
CA TYR A 246 -1.36 14.48 -7.22
C TYR A 246 -1.95 15.47 -8.22
N ILE A 247 -2.23 15.00 -9.43
CA ILE A 247 -2.85 15.81 -10.49
C ILE A 247 -4.21 15.19 -10.82
N PRO A 248 -5.31 15.91 -10.55
CA PRO A 248 -6.63 15.31 -10.78
C PRO A 248 -7.04 15.30 -12.26
N PRO A 249 -8.06 14.50 -12.61
CA PRO A 249 -8.57 14.53 -13.98
C PRO A 249 -9.07 15.92 -14.43
N LYS A 250 -9.05 16.17 -15.73
CA LYS A 250 -9.67 17.35 -16.34
C LYS A 250 -11.19 17.24 -16.50
N ALA A 251 -11.67 16.03 -16.78
CA ALA A 251 -13.09 15.80 -17.10
C ALA A 251 -13.44 14.31 -17.06
N ARG A 252 -14.73 14.02 -17.25
CA ARG A 252 -15.27 12.65 -17.19
C ARG A 252 -15.39 12.06 -18.60
N LYS A 253 -14.83 10.86 -18.79
CA LYS A 253 -14.83 10.18 -20.09
C LYS A 253 -16.17 9.51 -20.34
N ALA A 254 -16.69 9.61 -21.55
CA ALA A 254 -18.00 9.04 -21.90
C ALA A 254 -17.91 7.52 -22.10
N SER A 255 -18.98 6.83 -21.72
CA SER A 255 -19.09 5.37 -21.88
C SER A 255 -19.20 4.96 -23.34
N ASN A 256 -18.62 3.79 -23.67
CA ASN A 256 -18.57 3.23 -25.02
C ASN A 256 -19.82 2.36 -25.22
N LEU A 257 -20.65 2.71 -26.20
CA LEU A 257 -21.93 2.00 -26.40
C LEU A 257 -21.78 0.55 -26.89
N ASP A 258 -20.84 0.29 -27.81
CA ASP A 258 -20.57 -1.07 -28.30
C ASP A 258 -20.29 -2.03 -27.13
N ILE A 259 -19.42 -1.61 -26.22
CA ILE A 259 -19.10 -2.42 -25.04
C ILE A 259 -20.28 -2.51 -24.06
N ILE A 260 -20.98 -1.40 -23.84
CA ILE A 260 -22.20 -1.42 -23.02
C ILE A 260 -23.21 -2.47 -23.55
N ARG A 261 -23.35 -2.54 -24.88
CA ARG A 261 -24.24 -3.54 -25.51
C ARG A 261 -23.77 -4.98 -25.29
N ARG A 262 -22.47 -5.24 -25.43
CA ARG A 262 -21.92 -6.59 -25.24
C ARG A 262 -21.99 -7.08 -23.78
N LEU A 263 -21.81 -6.17 -22.82
CA LEU A 263 -22.00 -6.49 -21.40
C LEU A 263 -23.48 -6.52 -20.96
N GLU A 264 -24.39 -6.07 -21.83
CA GLU A 264 -25.85 -6.10 -21.64
C GLU A 264 -26.31 -5.22 -20.47
N LEU A 265 -26.07 -3.92 -20.65
CA LEU A 265 -26.43 -2.86 -19.70
C LEU A 265 -27.40 -1.86 -20.36
N LEU A 266 -27.82 -0.85 -19.60
CA LEU A 266 -28.71 0.23 -20.08
C LEU A 266 -28.11 1.04 -21.25
N PRO A 267 -28.96 1.57 -22.16
CA PRO A 267 -28.44 2.34 -23.30
C PRO A 267 -27.97 3.75 -22.94
N ALA A 276 -25.50 10.28 -13.44
CA ALA A 276 -25.61 9.25 -12.41
C ALA A 276 -24.29 9.10 -11.63
N ARG A 277 -23.70 10.24 -11.26
CA ARG A 277 -22.42 10.28 -10.54
C ARG A 277 -22.51 9.73 -9.11
N ILE A 278 -21.51 8.95 -8.71
CA ILE A 278 -21.46 8.35 -7.37
C ILE A 278 -20.99 9.39 -6.35
N TYR A 279 -21.71 9.49 -5.22
CA TYR A 279 -21.32 10.39 -4.12
C TYR A 279 -20.21 9.68 -3.33
N PRO A 280 -19.14 10.38 -2.93
CA PRO A 280 -18.95 11.83 -3.07
C PRO A 280 -18.12 12.20 -4.32
N ALA A 281 -18.22 13.44 -4.75
CA ALA A 281 -17.44 13.94 -5.90
C ALA A 281 -16.01 14.17 -5.49
N ASN A 282 -15.08 14.09 -6.46
CA ASN A 282 -13.66 14.36 -6.17
C ASN A 282 -13.50 15.86 -5.86
N GLN A 283 -13.09 16.19 -4.63
CA GLN A 283 -12.99 17.62 -4.23
C GLN A 283 -11.90 18.42 -5.00
N TRP A 284 -10.94 17.73 -5.61
CA TRP A 284 -9.80 18.39 -6.25
C TRP A 284 -10.00 18.68 -7.75
N GLU A 285 -10.98 18.03 -8.37
CA GLU A 285 -11.21 18.14 -9.81
C GLU A 285 -11.83 19.51 -10.14
N PRO A 286 -11.30 20.23 -11.16
CA PRO A 286 -11.84 21.57 -11.47
C PRO A 286 -13.30 21.54 -11.93
N ASP A 287 -14.10 22.47 -11.41
CA ASP A 287 -15.51 22.69 -11.82
C ASP A 287 -16.40 21.42 -11.80
N VAL A 288 -16.29 20.65 -10.71
CA VAL A 288 -17.21 19.53 -10.47
C VAL A 288 -18.29 19.99 -9.49
N PRO A 289 -19.58 19.72 -9.80
CA PRO A 289 -20.66 20.17 -8.93
C PRO A 289 -20.86 19.30 -7.69
N GLU A 290 -21.71 19.76 -6.78
CA GLU A 290 -22.09 18.96 -5.61
C GLU A 290 -23.02 17.83 -6.03
N VAL A 291 -22.75 16.64 -5.50
CA VAL A 291 -23.59 15.47 -5.70
C VAL A 291 -24.42 15.29 -4.43
N GLU A 292 -25.67 14.88 -4.61
CA GLU A 292 -26.63 14.69 -3.50
C GLU A 292 -26.36 13.35 -2.80
N PRO A 293 -26.05 13.36 -1.48
CA PRO A 293 -25.88 12.10 -0.74
C PRO A 293 -27.16 11.26 -0.53
N TYR A 294 -28.32 11.92 -0.47
CA TYR A 294 -29.60 11.24 -0.24
C TYR A 294 -30.60 11.46 -1.39
N ARG A 295 -30.39 10.71 -2.47
CA ARG A 295 -31.33 10.63 -3.58
C ARG A 295 -32.46 9.68 -3.23
N PRO A 296 -33.56 9.69 -4.02
CA PRO A 296 -34.67 8.77 -3.76
C PRO A 296 -34.28 7.29 -3.54
N SER A 297 -33.40 6.79 -4.40
CA SER A 297 -32.92 5.40 -4.30
C SER A 297 -32.15 5.14 -2.99
N ASP A 298 -31.37 6.13 -2.54
CA ASP A 298 -30.65 6.02 -1.25
C ASP A 298 -31.62 5.97 -0.08
N GLN A 299 -32.66 6.82 -0.13
CA GLN A 299 -33.68 6.88 0.92
C GLN A 299 -34.44 5.57 1.07
N ALA A 300 -34.71 4.91 -0.06
CA ALA A 300 -35.42 3.63 -0.06
C ALA A 300 -34.54 2.48 0.46
N ALA A 301 -33.26 2.48 0.11
CA ALA A 301 -32.31 1.51 0.66
C ALA A 301 -32.23 1.60 2.20
N ILE A 302 -32.30 2.83 2.70
CA ILE A 302 -32.21 3.10 4.14
C ILE A 302 -33.48 2.68 4.86
N ALA A 303 -34.65 2.89 4.25
CA ALA A 303 -35.93 2.44 4.81
C ALA A 303 -35.95 0.92 5.09
N GLN A 304 -35.32 0.15 4.20
CA GLN A 304 -35.20 -1.32 4.33
C GLN A 304 -34.38 -1.84 5.53
N LEU A 305 -33.58 -0.99 6.16
CA LEU A 305 -32.82 -1.38 7.38
C LEU A 305 -33.68 -1.75 8.59
N ALA A 306 -34.91 -1.25 8.66
CA ALA A 306 -35.80 -1.55 9.79
C ALA A 306 -36.15 -3.03 9.87
N ASP A 307 -36.67 -3.57 8.76
CA ASP A 307 -37.12 -4.98 8.69
C ASP A 307 -36.02 -5.97 8.26
N HIS A 308 -34.78 -5.52 8.09
CA HIS A 308 -33.69 -6.39 7.64
C HIS A 308 -33.36 -7.50 8.63
N ALA A 309 -33.15 -8.71 8.10
CA ALA A 309 -32.69 -9.86 8.87
C ALA A 309 -31.51 -10.49 8.11
N PRO A 310 -30.72 -11.35 8.79
CA PRO A 310 -29.59 -11.98 8.08
C PRO A 310 -30.08 -12.91 6.94
N PRO A 311 -29.45 -12.85 5.75
CA PRO A 311 -29.87 -13.73 4.64
C PRO A 311 -29.72 -15.22 4.96
N GLU A 312 -30.47 -16.05 4.23
N GLU A 312 -30.47 -16.07 4.24
CA GLU A 312 -30.46 -17.51 4.43
CA GLU A 312 -30.44 -17.51 4.48
C GLU A 312 -29.07 -18.11 4.18
C GLU A 312 -29.07 -18.13 4.17
N GLN A 313 -28.46 -17.71 3.06
CA GLN A 313 -27.12 -18.20 2.66
C GLN A 313 -25.92 -17.46 3.31
N TYR A 314 -26.18 -16.48 4.17
CA TYR A 314 -25.13 -15.86 5.00
C TYR A 314 -24.61 -16.85 6.02
N GLN A 315 -23.28 -16.93 6.16
CA GLN A 315 -22.61 -17.92 7.00
C GLN A 315 -21.96 -17.25 8.23
N PRO A 316 -22.67 -17.22 9.38
CA PRO A 316 -22.08 -16.57 10.55
C PRO A 316 -20.85 -17.31 11.09
N LEU A 317 -19.89 -16.56 11.66
CA LEU A 317 -18.73 -17.15 12.31
C LEU A 317 -19.18 -18.07 13.46
N ALA A 318 -18.59 -19.27 13.51
CA ALA A 318 -18.85 -20.26 14.56
C ALA A 318 -17.57 -21.05 14.81
N THR A 319 -16.75 -20.55 15.72
CA THR A 319 -15.42 -21.12 15.96
C THR A 319 -15.22 -21.34 17.47
N SER A 320 -13.99 -21.63 17.87
CA SER A 320 -13.67 -21.89 19.27
C SER A 320 -12.47 -21.06 19.69
N LYS A 321 -12.27 -20.94 21.00
CA LYS A 321 -11.10 -20.23 21.51
C LYS A 321 -9.80 -20.89 21.06
N ALA A 322 -9.74 -22.22 21.16
CA ALA A 322 -8.55 -22.97 20.74
C ALA A 322 -8.19 -22.76 19.25
N MET A 323 -9.19 -22.78 18.37
CA MET A 323 -8.96 -22.64 16.92
C MET A 323 -8.57 -21.21 16.56
N SER A 324 -9.29 -20.23 17.10
CA SER A 324 -8.93 -18.83 16.93
C SER A 324 -7.51 -18.55 17.43
N ASP A 325 -7.17 -19.06 18.61
CA ASP A 325 -5.82 -18.87 19.18
C ASP A 325 -4.68 -19.40 18.28
N VAL A 326 -4.84 -20.61 17.72
CA VAL A 326 -3.76 -21.18 16.90
C VAL A 326 -3.60 -20.44 15.56
N MET A 327 -4.72 -20.01 14.97
CA MET A 327 -4.67 -19.23 13.72
C MET A 327 -4.03 -17.86 13.91
N THR A 328 -4.33 -17.22 15.05
CA THR A 328 -3.65 -16.01 15.50
C THR A 328 -2.14 -16.27 15.74
N LYS A 329 -1.82 -17.39 16.39
CA LYS A 329 -0.42 -17.73 16.65
C LYS A 329 0.43 -17.90 15.35
N LEU A 330 -0.15 -18.56 14.36
CA LEU A 330 0.54 -18.76 13.08
C LEU A 330 0.84 -17.41 12.40
N ALA A 331 -0.04 -16.43 12.59
CA ALA A 331 0.15 -15.09 12.00
C ALA A 331 1.16 -14.21 12.77
N LEU A 332 1.30 -14.43 14.09
CA LEU A 332 2.13 -13.54 14.94
C LEU A 332 3.43 -14.15 15.46
N ASP A 333 3.61 -15.47 15.32
CA ASP A 333 4.80 -16.19 15.80
C ASP A 333 5.48 -16.88 14.60
N PRO A 334 6.51 -16.23 14.00
CA PRO A 334 7.22 -16.78 12.83
C PRO A 334 7.80 -18.19 13.01
N LYS A 335 8.32 -18.49 14.20
CA LYS A 335 8.88 -19.81 14.49
C LYS A 335 7.78 -20.88 14.57
N ALA A 336 6.63 -20.53 15.12
CA ALA A 336 5.47 -21.42 15.10
C ALA A 336 5.00 -21.72 13.67
N LEU A 337 5.01 -20.69 12.81
CA LEU A 337 4.71 -20.89 11.38
C LEU A 337 5.71 -21.81 10.71
N ALA A 338 7.00 -21.62 11.00
CA ALA A 338 8.06 -22.47 10.44
C ALA A 338 7.89 -23.93 10.87
N ASP A 339 7.57 -24.13 12.16
CA ASP A 339 7.28 -25.47 12.70
C ASP A 339 6.10 -26.16 12.02
N TYR A 340 5.01 -25.41 11.83
CA TYR A 340 3.80 -25.95 11.18
C TYR A 340 4.06 -26.34 9.74
N LYS A 341 4.74 -25.48 8.99
CA LYS A 341 5.08 -25.76 7.58
C LYS A 341 6.03 -26.94 7.41
N ALA A 342 6.87 -27.20 8.41
CA ALA A 342 7.76 -28.36 8.39
C ALA A 342 6.99 -29.69 8.55
N ASP A 343 5.93 -29.69 9.36
CA ASP A 343 5.18 -30.92 9.67
C ASP A 343 3.76 -30.59 10.19
N HIS A 344 2.80 -30.52 9.26
CA HIS A 344 1.39 -30.25 9.59
C HIS A 344 0.83 -31.19 10.67
N ARG A 345 1.08 -32.49 10.56
CA ARG A 345 0.53 -33.48 11.51
C ARG A 345 1.04 -33.23 12.92
N ALA A 346 2.37 -33.20 13.08
CA ALA A 346 3.00 -33.05 14.38
C ALA A 346 2.55 -31.77 15.09
N PHE A 347 2.53 -30.66 14.35
CA PHE A 347 2.06 -29.39 14.89
C PHE A 347 0.62 -29.45 15.39
N ALA A 348 -0.28 -29.96 14.55
CA ALA A 348 -1.71 -30.08 14.90
C ALA A 348 -1.98 -30.99 16.11
N GLN A 349 -1.19 -32.04 16.26
CA GLN A 349 -1.29 -32.96 17.40
C GLN A 349 -0.86 -32.33 18.73
N SER A 350 0.05 -31.35 18.69
CA SER A 350 0.54 -30.68 19.90
C SER A 350 -0.32 -29.49 20.37
N VAL A 351 -1.33 -29.09 19.60
CA VAL A 351 -2.22 -27.99 19.98
C VAL A 351 -3.34 -28.53 20.90
N PRO A 352 -3.40 -28.06 22.17
CA PRO A 352 -4.40 -28.60 23.09
C PRO A 352 -5.82 -28.09 22.80
N ASP A 353 -6.81 -28.93 23.10
CA ASP A 353 -8.24 -28.57 23.13
C ASP A 353 -8.94 -28.35 21.76
N LEU A 354 -8.30 -28.73 20.65
CA LEU A 354 -8.96 -28.71 19.35
C LEU A 354 -9.95 -29.87 19.22
N THR A 355 -11.05 -29.63 18.52
CA THR A 355 -12.01 -30.67 18.15
C THR A 355 -11.39 -31.56 17.04
N PRO A 356 -11.82 -32.83 16.91
CA PRO A 356 -11.43 -33.67 15.77
C PRO A 356 -11.53 -33.01 14.39
N GLN A 357 -12.63 -32.29 14.12
N GLN A 357 -12.63 -32.29 14.12
CA GLN A 357 -12.82 -31.54 12.86
CA GLN A 357 -12.80 -31.57 12.87
C GLN A 357 -11.76 -30.44 12.73
C GLN A 357 -11.80 -30.41 12.72
N GLU A 358 -11.54 -29.71 13.82
CA GLU A 358 -10.54 -28.62 13.87
C GLU A 358 -9.11 -29.16 13.66
N ARG A 359 -8.77 -30.26 14.31
CA ARG A 359 -7.43 -30.86 14.18
C ARG A 359 -7.16 -31.41 12.76
N ALA A 360 -8.16 -32.05 12.15
CA ALA A 360 -8.05 -32.56 10.78
C ALA A 360 -7.98 -31.41 9.75
N ALA A 361 -8.78 -30.36 9.95
CA ALA A 361 -8.71 -29.15 9.11
C ALA A 361 -7.32 -28.51 9.15
N LEU A 362 -6.75 -28.38 10.34
CA LEU A 362 -5.39 -27.83 10.50
C LEU A 362 -4.32 -28.74 9.88
N GLU A 363 -4.48 -30.05 10.02
CA GLU A 363 -3.56 -31.01 9.40
C GLU A 363 -3.55 -30.88 7.88
N LEU A 364 -4.73 -30.73 7.27
CA LEU A 364 -4.84 -30.49 5.83
C LEU A 364 -4.28 -29.12 5.44
N GLY A 365 -4.71 -28.09 6.15
CA GLY A 365 -4.31 -26.71 5.86
C GLY A 365 -5.00 -26.02 4.68
N ASP A 366 -5.88 -26.74 3.97
CA ASP A 366 -6.60 -26.17 2.82
C ASP A 366 -7.60 -25.11 3.28
N SER A 367 -7.78 -24.09 2.43
CA SER A 367 -8.72 -23.00 2.70
C SER A 367 -10.15 -23.46 2.92
N TRP A 368 -10.62 -24.37 2.07
CA TRP A 368 -11.97 -24.94 2.23
C TRP A 368 -12.17 -25.60 3.59
N ALA A 369 -11.13 -26.29 4.07
CA ALA A 369 -11.20 -27.05 5.33
C ALA A 369 -11.25 -26.14 6.55
N ILE A 370 -10.36 -25.15 6.58
CA ILE A 370 -10.32 -24.16 7.67
C ILE A 370 -11.61 -23.32 7.72
N ARG A 371 -12.13 -22.94 6.56
CA ARG A 371 -13.39 -22.16 6.50
C ARG A 371 -14.61 -22.97 6.98
N CYS A 372 -14.69 -24.24 6.60
CA CYS A 372 -15.74 -25.14 7.13
C CYS A 372 -15.66 -25.35 8.64
N ALA A 373 -14.44 -25.40 9.17
CA ALA A 373 -14.23 -25.60 10.59
C ALA A 373 -14.61 -24.38 11.43
N MET A 374 -14.53 -23.18 10.85
CA MET A 374 -14.74 -21.92 11.59
C MET A 374 -16.08 -21.22 11.33
N LYS A 375 -16.93 -21.79 10.47
CA LYS A 375 -18.21 -21.17 10.10
C LYS A 375 -19.36 -22.18 10.10
N ASN A 376 -20.58 -21.67 10.20
CA ASN A 376 -21.80 -22.47 10.03
C ASN A 376 -22.20 -22.43 8.56
N MET A 377 -22.27 -23.59 7.92
CA MET A 377 -22.65 -23.71 6.51
C MET A 377 -24.12 -24.16 6.42
N PRO A 378 -25.04 -23.27 5.99
CA PRO A 378 -26.48 -23.56 5.99
C PRO A 378 -26.96 -24.36 4.77
N SER A 379 -28.26 -24.65 4.74
CA SER A 379 -28.91 -25.38 3.64
C SER A 379 -29.05 -24.51 2.40
N VAL A 403 -17.71 -23.32 -1.88
CA VAL A 403 -17.99 -22.44 -0.76
C VAL A 403 -17.28 -21.08 -0.90
N SAR A 404 -17.96 -19.96 -0.61
CA SAR A 404 -17.64 -18.71 -1.33
C SAR A 404 -16.32 -18.13 -0.83
O SAR A 404 -16.06 -18.19 0.38
CN SAR A 404 -18.94 -19.82 0.47
N MVA A 405 -15.47 -17.58 -1.73
CN MVA A 405 -15.35 -18.06 -3.10
CA MVA A 405 -14.56 -16.49 -1.29
CB MVA A 405 -13.06 -16.88 -1.37
CG1 MVA A 405 -12.80 -18.24 -0.73
CG2 MVA A 405 -12.18 -15.78 -0.75
C MVA A 405 -14.83 -15.18 -2.03
O MVA A 405 -14.21 -14.95 -3.08
N IML A 406 -15.73 -14.32 -1.53
CA IML A 406 -16.35 -13.28 -2.43
C IML A 406 -16.39 -11.88 -1.76
O IML A 406 -17.39 -11.53 -1.13
CB IML A 406 -17.61 -13.82 -3.17
CN IML A 406 -16.12 -14.28 -0.11
CG2 IML A 406 -18.23 -15.13 -2.64
CG1 IML A 406 -18.78 -12.85 -3.37
CD1 IML A 406 -18.43 -11.61 -4.17
N SAR A 407 -15.32 -11.08 -1.88
CA SAR A 407 -15.27 -9.75 -1.21
C SAR A 407 -15.19 -8.58 -2.16
O SAR A 407 -14.19 -7.88 -2.16
CN SAR A 407 -14.08 -11.41 -2.57
N VAL A 408 -16.25 -8.38 -2.95
CA VAL A 408 -16.35 -7.26 -3.91
C VAL A 408 -17.17 -6.10 -3.29
N ILE A 409 -16.45 -5.18 -2.64
CA ILE A 409 -16.93 -3.87 -2.16
C ILE A 409 -16.58 -2.68 -3.10
N GLY A 410 -16.22 -2.96 -4.37
CA GLY A 410 -15.83 -1.93 -5.35
C GLY A 410 -16.86 -1.85 -6.48
N THR B 6 -16.65 21.68 21.02
CA THR B 6 -16.45 20.40 20.24
C THR B 6 -17.74 19.59 20.17
N LYS B 7 -18.13 19.19 18.95
CA LYS B 7 -19.26 18.27 18.76
C LYS B 7 -18.81 16.84 19.06
N ALA B 8 -19.63 16.12 19.82
CA ALA B 8 -19.39 14.72 20.10
C ALA B 8 -19.63 13.87 18.85
N GLY B 9 -18.80 12.85 18.66
CA GLY B 9 -18.96 11.88 17.59
C GLY B 9 -17.79 11.91 16.61
N SER B 10 -17.30 10.73 16.24
CA SER B 10 -16.22 10.64 15.25
C SER B 10 -16.30 9.35 14.46
N LEU B 11 -15.72 9.36 13.27
CA LEU B 11 -15.63 8.16 12.43
C LEU B 11 -14.18 8.02 11.99
N THR B 12 -13.56 6.91 12.37
CA THR B 12 -12.22 6.54 11.88
C THR B 12 -12.38 5.24 11.08
N ILE B 13 -11.94 5.22 9.83
CA ILE B 13 -12.00 3.98 9.03
C ILE B 13 -10.59 3.43 8.84
N VAL B 14 -10.44 2.12 9.10
CA VAL B 14 -9.15 1.46 9.09
C VAL B 14 -9.18 0.20 8.23
N GLY B 15 -8.00 -0.29 7.87
CA GLY B 15 -7.86 -1.56 7.15
C GLY B 15 -7.28 -2.69 7.96
N THR B 16 -7.39 -3.90 7.42
CA THR B 16 -6.75 -5.08 8.05
C THR B 16 -5.63 -5.73 7.21
N GLY B 17 -5.32 -5.18 6.04
CA GLY B 17 -4.42 -5.86 5.10
C GLY B 17 -5.04 -7.11 4.46
N ILE B 18 -4.26 -7.86 3.68
CA ILE B 18 -4.80 -8.99 2.90
C ILE B 18 -4.56 -10.34 3.59
N GLU B 19 -3.33 -10.59 4.04
CA GLU B 19 -2.99 -11.82 4.74
C GLU B 19 -3.45 -11.72 6.20
N SER B 20 -4.23 -12.71 6.63
CA SER B 20 -4.92 -12.73 7.93
C SER B 20 -4.06 -12.25 9.08
N ILE B 21 -4.52 -11.20 9.76
CA ILE B 21 -3.95 -10.69 11.03
C ILE B 21 -2.57 -10.01 10.93
N GLY B 22 -1.58 -10.71 10.39
CA GLY B 22 -0.21 -10.19 10.23
C GLY B 22 -0.07 -8.88 9.44
N GLN B 23 -0.97 -8.65 8.50
CA GLN B 23 -0.89 -7.40 7.72
C GLN B 23 -1.72 -6.22 8.26
N MET B 24 -2.32 -6.38 9.45
CA MET B 24 -2.93 -5.24 10.16
C MET B 24 -1.84 -4.32 10.72
N THR B 25 -2.00 -3.00 10.63
CA THR B 25 -1.04 -2.04 11.24
C THR B 25 -1.29 -1.88 12.74
N LEU B 26 -0.23 -1.49 13.46
CA LEU B 26 -0.33 -1.23 14.89
C LEU B 26 -1.39 -0.18 15.25
N GLN B 27 -1.49 0.91 14.46
CA GLN B 27 -2.50 1.95 14.69
C GLN B 27 -3.93 1.47 14.36
N ALA B 28 -4.13 0.66 13.31
CA ALA B 28 -5.46 0.08 13.06
C ALA B 28 -5.95 -0.71 14.29
N LEU B 29 -5.07 -1.53 14.87
CA LEU B 29 -5.40 -2.34 16.06
C LEU B 29 -5.76 -1.47 17.25
N SER B 30 -4.95 -0.45 17.54
CA SER B 30 -5.20 0.41 18.72
C SER B 30 -6.50 1.19 18.61
N TYR B 31 -6.84 1.66 17.40
CA TYR B 31 -8.13 2.34 17.19
C TYR B 31 -9.33 1.37 17.30
N ILE B 32 -9.17 0.14 16.82
CA ILE B 32 -10.23 -0.88 16.98
C ILE B 32 -10.51 -1.12 18.48
N GLU B 33 -9.45 -1.26 19.26
CA GLU B 33 -9.61 -1.53 20.72
C GLU B 33 -10.27 -0.38 21.46
N ALA B 34 -9.93 0.85 21.07
CA ALA B 34 -10.49 2.05 21.71
C ALA B 34 -11.93 2.41 21.30
N ALA B 35 -12.44 1.86 20.21
CA ALA B 35 -13.75 2.28 19.69
C ALA B 35 -14.95 1.95 20.59
N ALA B 36 -15.95 2.83 20.59
CA ALA B 36 -17.27 2.56 21.21
C ALA B 36 -18.12 1.58 20.41
N LYS B 37 -18.04 1.62 19.08
N LYS B 37 -17.93 1.56 19.09
CA LYS B 37 -18.69 0.62 18.21
CA LYS B 37 -18.70 0.73 18.17
C LYS B 37 -17.80 0.36 17.01
C LYS B 37 -17.83 0.38 16.97
N VAL B 38 -17.85 -0.87 16.52
CA VAL B 38 -17.07 -1.34 15.35
C VAL B 38 -17.99 -1.97 14.31
N PHE B 39 -17.81 -1.55 13.07
CA PHE B 39 -18.48 -2.13 11.90
C PHE B 39 -17.38 -2.69 10.99
N TYR B 40 -17.44 -3.99 10.67
CA TYR B 40 -16.39 -4.64 9.86
C TYR B 40 -16.90 -5.37 8.61
N CYS B 41 -16.04 -5.40 7.58
CA CYS B 41 -16.28 -6.17 6.37
C CYS B 41 -14.94 -6.82 5.98
N VAL B 42 -14.77 -8.08 6.37
CA VAL B 42 -13.57 -8.86 6.06
C VAL B 42 -13.98 -10.20 5.43
N ILE B 43 -13.04 -10.90 4.82
CA ILE B 43 -13.36 -12.12 4.03
C ILE B 43 -12.54 -13.37 4.40
N ASP B 44 -11.99 -13.41 5.61
CA ASP B 44 -11.52 -14.67 6.16
C ASP B 44 -11.90 -14.79 7.65
N PRO B 45 -12.17 -16.02 8.11
CA PRO B 45 -12.69 -16.19 9.46
C PRO B 45 -11.72 -15.86 10.61
N ALA B 46 -10.42 -16.15 10.43
CA ALA B 46 -9.44 -15.87 11.50
C ALA B 46 -9.34 -14.37 11.83
N THR B 47 -9.34 -13.53 10.80
CA THR B 47 -9.32 -12.07 10.97
C THR B 47 -10.61 -11.61 11.69
N GLU B 48 -11.75 -12.16 11.30
CA GLU B 48 -13.04 -11.85 11.95
C GLU B 48 -13.01 -12.23 13.45
N ALA B 49 -12.57 -13.44 13.75
CA ALA B 49 -12.42 -13.89 15.14
C ALA B 49 -11.48 -13.00 15.97
N PHE B 50 -10.36 -12.60 15.37
CA PHE B 50 -9.37 -11.71 16.00
C PHE B 50 -9.99 -10.34 16.34
N ILE B 51 -10.72 -9.75 15.41
CA ILE B 51 -11.41 -8.47 15.67
C ILE B 51 -12.39 -8.62 16.84
N LEU B 52 -13.12 -9.73 16.87
CA LEU B 52 -14.14 -9.95 17.92
C LEU B 52 -13.53 -10.11 19.31
N THR B 53 -12.26 -10.51 19.42
CA THR B 53 -11.52 -10.50 20.70
C THR B 53 -11.08 -9.11 21.16
N LYS B 54 -10.91 -8.18 20.22
CA LYS B 54 -10.35 -6.87 20.52
C LYS B 54 -11.44 -5.81 20.82
N ASN B 55 -12.67 -6.04 20.36
CA ASN B 55 -13.81 -5.18 20.71
C ASN B 55 -15.11 -6.00 20.82
N LYS B 56 -15.90 -5.76 21.87
CA LYS B 56 -17.09 -6.55 22.14
C LYS B 56 -18.41 -5.91 21.66
N ASN B 57 -18.32 -4.82 20.89
CA ASN B 57 -19.50 -4.18 20.29
C ASN B 57 -19.31 -4.01 18.78
N CYS B 58 -19.30 -5.14 18.07
CA CYS B 58 -19.10 -5.21 16.64
C CYS B 58 -20.38 -5.58 15.87
N VAL B 59 -20.49 -5.09 14.65
CA VAL B 59 -21.50 -5.51 13.69
C VAL B 59 -20.83 -5.95 12.38
N ASP B 60 -21.19 -7.13 11.89
CA ASP B 60 -20.69 -7.64 10.59
C ASP B 60 -21.47 -6.99 9.47
N LEU B 61 -20.81 -6.13 8.71
CA LEU B 61 -21.42 -5.49 7.53
C LEU B 61 -21.73 -6.47 6.38
N TYR B 62 -21.04 -7.62 6.33
CA TYR B 62 -21.17 -8.58 5.21
C TYR B 62 -22.60 -9.13 5.02
N GLN B 63 -23.38 -9.16 6.10
CA GLN B 63 -24.78 -9.60 6.05
C GLN B 63 -25.74 -8.68 5.26
N TYR B 64 -25.27 -7.49 4.87
CA TYR B 64 -26.07 -6.58 4.03
C TYR B 64 -25.89 -6.77 2.51
N TYR B 65 -25.02 -7.70 2.10
CA TYR B 65 -25.04 -8.27 0.75
C TYR B 65 -26.16 -9.32 0.69
N ASP B 66 -26.58 -9.67 -0.52
CA ASP B 66 -27.54 -10.77 -0.73
C ASP B 66 -27.60 -11.17 -2.21
N ASN B 67 -28.05 -12.40 -2.46
CA ASN B 67 -28.23 -12.93 -3.83
C ASN B 67 -29.18 -12.03 -4.63
N GLY B 68 -28.69 -11.49 -5.75
CA GLY B 68 -29.51 -10.67 -6.65
C GLY B 68 -29.72 -9.21 -6.27
N LYS B 69 -29.11 -8.78 -5.16
CA LYS B 69 -29.24 -7.40 -4.65
C LYS B 69 -28.12 -6.56 -5.25
N SER B 70 -28.43 -5.35 -5.70
CA SER B 70 -27.41 -4.46 -6.25
C SER B 70 -26.41 -4.10 -5.15
N ARG B 71 -25.13 -4.09 -5.49
CA ARG B 71 -24.10 -3.74 -4.52
C ARG B 71 -24.22 -2.27 -4.06
N LEU B 72 -24.72 -1.39 -4.94
CA LEU B 72 -24.99 0.01 -4.59
C LEU B 72 -25.97 0.19 -3.44
N ASN B 73 -27.02 -0.63 -3.38
CA ASN B 73 -27.96 -0.58 -2.24
C ASN B 73 -27.27 -1.00 -0.93
N THR B 74 -26.54 -2.12 -0.97
CA THR B 74 -25.71 -2.58 0.15
C THR B 74 -24.76 -1.49 0.66
N TYR B 75 -24.07 -0.79 -0.25
CA TYR B 75 -23.12 0.27 0.12
C TYR B 75 -23.79 1.45 0.84
N THR B 76 -24.96 1.88 0.36
CA THR B 76 -25.72 2.92 1.05
C THR B 76 -26.11 2.46 2.46
N GLN B 77 -26.48 1.20 2.61
CA GLN B 77 -26.85 0.65 3.92
C GLN B 77 -25.66 0.60 4.88
N MET B 78 -24.52 0.10 4.38
CA MET B 78 -23.27 0.01 5.18
C MET B 78 -22.86 1.38 5.74
N SER B 79 -22.86 2.39 4.89
CA SER B 79 -22.47 3.75 5.28
C SER B 79 -23.46 4.36 6.26
N GLU B 80 -24.77 4.15 6.07
CA GLU B 80 -25.78 4.73 6.97
C GLU B 80 -25.72 4.09 8.38
N LEU B 81 -25.43 2.79 8.46
CA LEU B 81 -25.25 2.13 9.77
C LEU B 81 -24.14 2.79 10.59
N MET B 82 -23.02 3.10 9.95
CA MET B 82 -21.92 3.78 10.63
C MET B 82 -22.28 5.21 11.04
N VAL B 83 -22.83 6.01 10.13
CA VAL B 83 -23.07 7.43 10.44
C VAL B 83 -24.20 7.62 11.47
N ARG B 84 -25.17 6.70 11.51
CA ARG B 84 -26.22 6.71 12.56
C ARG B 84 -25.62 6.74 13.97
N GLU B 85 -24.59 5.93 14.20
CA GLU B 85 -23.90 5.91 15.51
C GLU B 85 -23.03 7.13 15.75
N VAL B 86 -22.45 7.68 14.69
CA VAL B 86 -21.68 8.93 14.82
C VAL B 86 -22.60 10.06 15.31
N ARG B 87 -23.81 10.10 14.76
CA ARG B 87 -24.82 11.12 15.11
C ARG B 87 -25.28 11.07 16.57
N LYS B 88 -25.14 9.90 17.24
CA LYS B 88 -25.38 9.75 18.69
C LYS B 88 -24.19 10.22 19.57
N GLY B 89 -23.12 10.73 18.96
CA GLY B 89 -21.97 11.25 19.69
C GLY B 89 -20.93 10.20 20.08
N LEU B 90 -20.90 9.07 19.36
CA LEU B 90 -20.02 7.95 19.68
C LEU B 90 -18.77 7.93 18.80
N ASP B 91 -17.67 7.41 19.37
N ASP B 91 -17.66 7.42 19.36
CA ASP B 91 -16.41 7.13 18.65
CA ASP B 91 -16.44 7.22 18.58
C ASP B 91 -16.55 5.81 17.89
C ASP B 91 -16.52 5.86 17.88
N VAL B 92 -16.78 5.91 16.57
CA VAL B 92 -17.09 4.77 15.74
C VAL B 92 -15.87 4.43 14.87
N VAL B 93 -15.62 3.13 14.68
CA VAL B 93 -14.58 2.66 13.76
C VAL B 93 -15.16 1.69 12.73
N GLY B 94 -14.90 1.97 11.44
CA GLY B 94 -15.22 1.06 10.36
C GLY B 94 -13.96 0.32 9.95
N VAL B 95 -14.11 -0.96 9.60
CA VAL B 95 -12.97 -1.83 9.27
C VAL B 95 -13.25 -2.54 7.94
N PHE B 96 -12.34 -2.38 6.97
CA PHE B 96 -12.46 -3.06 5.67
C PHE B 96 -11.17 -3.80 5.38
N TYR B 97 -11.26 -5.00 4.78
CA TYR B 97 -10.04 -5.76 4.50
C TYR B 97 -9.16 -5.01 3.48
N GLY B 98 -7.87 -5.23 3.60
CA GLY B 98 -6.89 -4.55 2.73
C GLY B 98 -6.66 -3.10 3.17
N HIS B 99 -6.65 -2.20 2.18
CA HIS B 99 -6.66 -0.74 2.38
C HIS B 99 -8.13 -0.34 2.25
N PRO B 100 -8.68 0.38 3.26
CA PRO B 100 -10.14 0.59 3.27
C PRO B 100 -10.66 1.62 2.25
N GLY B 101 -9.77 2.23 1.47
CA GLY B 101 -10.11 3.20 0.45
C GLY B 101 -9.65 2.83 -0.95
N VAL B 102 -9.21 1.59 -1.16
CA VAL B 102 -8.71 1.09 -2.46
C VAL B 102 -9.74 0.06 -2.99
N PHE B 103 -10.46 0.44 -4.03
CA PHE B 103 -11.59 -0.34 -4.54
C PHE B 103 -12.62 -0.64 -3.43
N VAL B 104 -12.95 0.37 -2.62
CA VAL B 104 -14.01 0.26 -1.57
C VAL B 104 -14.93 1.46 -1.69
N ASN B 105 -16.21 1.23 -2.00
CA ASN B 105 -17.17 2.32 -2.16
C ASN B 105 -17.67 2.96 -0.85
N PRO B 106 -18.19 2.17 0.12
CA PRO B 106 -18.93 2.79 1.25
C PRO B 106 -18.11 3.62 2.25
N SER B 107 -16.81 3.37 2.33
CA SER B 107 -15.95 4.14 3.23
C SER B 107 -15.89 5.62 2.85
N HIS B 108 -15.65 5.91 1.57
CA HIS B 108 -15.62 7.31 1.10
C HIS B 108 -16.96 8.01 1.35
N ARG B 109 -18.07 7.32 1.08
CA ARG B 109 -19.42 7.85 1.32
C ARG B 109 -19.64 8.21 2.81
N ALA B 110 -19.37 7.27 3.70
CA ALA B 110 -19.58 7.51 5.14
C ALA B 110 -18.70 8.65 5.67
N LEU B 111 -17.44 8.70 5.26
CA LEU B 111 -16.55 9.76 5.74
C LEU B 111 -16.95 11.15 5.25
N ALA B 112 -17.39 11.24 3.97
CA ALA B 112 -17.83 12.51 3.41
C ALA B 112 -19.10 13.04 4.08
N ILE B 113 -20.04 12.14 4.42
CA ILE B 113 -21.23 12.51 5.17
C ILE B 113 -20.86 13.01 6.57
N ALA B 114 -20.04 12.24 7.29
CA ALA B 114 -19.63 12.65 8.64
C ALA B 114 -18.95 14.02 8.65
N LYS B 115 -18.04 14.23 7.71
CA LYS B 115 -17.33 15.49 7.56
C LYS B 115 -18.26 16.68 7.24
N SER B 116 -19.23 16.47 6.34
CA SER B 116 -20.22 17.51 5.99
C SER B 116 -21.11 17.95 7.15
N GLU B 117 -21.39 17.01 8.06
CA GLU B 117 -22.22 17.28 9.24
C GLU B 117 -21.44 17.75 10.48
N GLY B 118 -20.13 17.98 10.34
CA GLY B 118 -19.30 18.60 11.39
C GLY B 118 -18.63 17.66 12.38
N TYR B 119 -18.56 16.38 12.06
CA TYR B 119 -17.90 15.39 12.92
C TYR B 119 -16.45 15.19 12.48
N ARG B 120 -15.60 14.82 13.43
CA ARG B 120 -14.22 14.41 13.14
C ARG B 120 -14.26 13.14 12.25
N ALA B 121 -13.48 13.14 11.17
CA ALA B 121 -13.52 12.05 10.21
C ALA B 121 -12.13 11.83 9.62
N ARG B 122 -11.64 10.59 9.66
CA ARG B 122 -10.28 10.25 9.16
C ARG B 122 -10.23 8.79 8.67
N MET B 123 -9.49 8.58 7.58
CA MET B 123 -9.12 7.24 7.09
C MET B 123 -7.64 6.97 7.40
N LEU B 124 -7.35 5.81 7.97
CA LEU B 124 -5.99 5.33 8.18
C LEU B 124 -5.68 4.32 7.05
N PRO B 125 -4.56 4.52 6.34
CA PRO B 125 -4.23 3.64 5.21
C PRO B 125 -3.87 2.21 5.66
N GLY B 126 -4.04 1.23 4.79
CA GLY B 126 -3.58 -0.16 5.00
C GLY B 126 -2.92 -0.78 3.79
N VAL B 127 -2.56 -2.05 3.91
CA VAL B 127 -1.85 -2.81 2.86
C VAL B 127 -2.87 -3.39 1.88
N SER B 128 -2.84 -2.92 0.62
CA SER B 128 -3.79 -3.36 -0.41
C SER B 128 -3.34 -4.63 -1.16
N ALA B 129 -4.24 -5.18 -1.99
CA ALA B 129 -3.88 -6.28 -2.89
C ALA B 129 -2.79 -5.89 -3.89
N GLU B 130 -2.73 -4.63 -4.30
CA GLU B 130 -1.67 -4.17 -5.21
C GLU B 130 -0.31 -4.11 -4.50
N ASP B 131 -0.29 -3.68 -3.24
CA ASP B 131 0.91 -3.74 -2.39
C ASP B 131 1.43 -5.18 -2.29
N CYS B 132 0.53 -6.13 -2.08
CA CYS B 132 0.89 -7.55 -2.06
C CYS B 132 1.48 -8.03 -3.41
N LEU B 133 0.82 -7.64 -4.50
CA LEU B 133 1.26 -7.95 -5.87
C LEU B 133 2.71 -7.51 -6.12
N PHE B 134 3.05 -6.26 -5.78
CA PHE B 134 4.44 -5.77 -5.97
C PHE B 134 5.43 -6.66 -5.22
N ALA B 135 5.07 -7.03 -3.99
CA ALA B 135 5.94 -7.88 -3.14
C ALA B 135 6.13 -9.32 -3.66
N ASP B 136 5.04 -9.94 -4.09
CA ASP B 136 5.03 -11.35 -4.52
C ASP B 136 5.52 -11.57 -5.96
N LEU B 137 5.22 -10.62 -6.86
CA LEU B 137 5.69 -10.68 -8.25
C LEU B 137 7.09 -10.06 -8.46
N CYS B 138 7.62 -9.41 -7.41
CA CYS B 138 8.97 -8.80 -7.40
C CYS B 138 9.13 -7.73 -8.49
N ILE B 139 8.20 -6.78 -8.49
CA ILE B 139 8.26 -5.59 -9.35
C ILE B 139 8.13 -4.30 -8.53
N ASP B 140 8.60 -3.20 -9.13
CA ASP B 140 8.52 -1.88 -8.53
C ASP B 140 7.67 -1.03 -9.47
N PRO B 141 6.61 -0.34 -8.96
CA PRO B 141 5.86 0.57 -9.85
C PRO B 141 6.73 1.64 -10.53
N SER B 142 7.87 2.00 -9.93
N SER B 142 7.87 2.00 -9.93
CA SER B 142 8.77 3.01 -10.50
CA SER B 142 8.78 3.01 -10.47
C SER B 142 9.30 2.66 -11.89
C SER B 142 9.38 2.67 -11.84
N ASN B 143 9.55 1.38 -12.11
CA ASN B 143 10.23 0.90 -13.32
C ASN B 143 9.36 -0.18 -14.00
N PRO B 144 8.56 0.15 -15.03
CA PRO B 144 8.60 1.40 -15.82
C PRO B 144 7.28 2.19 -15.76
N GLY B 145 6.78 2.43 -14.55
CA GLY B 145 5.50 3.10 -14.34
C GLY B 145 4.37 2.07 -14.21
N CYS B 146 3.24 2.47 -13.65
CA CYS B 146 2.15 1.53 -13.37
C CYS B 146 0.77 2.16 -13.61
N LEU B 147 -0.05 1.47 -14.41
CA LEU B 147 -1.46 1.81 -14.65
C LEU B 147 -2.34 0.82 -13.86
N THR B 148 -3.29 1.35 -13.07
CA THR B 148 -4.21 0.53 -12.28
C THR B 148 -5.67 0.89 -12.61
N TYR B 149 -6.47 -0.12 -12.99
CA TYR B 149 -7.88 0.08 -13.32
C TYR B 149 -8.78 -0.99 -12.71
N GLU B 150 -10.05 -0.63 -12.56
CA GLU B 150 -11.13 -1.58 -12.35
C GLU B 150 -11.49 -2.19 -13.72
N ALA B 151 -11.61 -3.52 -13.81
CA ALA B 151 -11.74 -4.20 -15.11
C ALA B 151 -12.95 -3.79 -15.95
N SER B 152 -14.11 -3.66 -15.33
CA SER B 152 -15.34 -3.26 -16.06
C SER B 152 -15.26 -1.82 -16.56
N ASP B 153 -14.81 -0.91 -15.68
CA ASP B 153 -14.52 0.49 -16.03
C ASP B 153 -13.50 0.61 -17.19
N PHE B 154 -12.42 -0.17 -17.10
CA PHE B 154 -11.38 -0.29 -18.18
C PHE B 154 -12.01 -0.48 -19.56
N LEU B 155 -12.98 -1.39 -19.64
CA LEU B 155 -13.73 -1.65 -20.87
C LEU B 155 -14.78 -0.58 -21.20
N ILE B 156 -15.63 -0.25 -20.23
CA ILE B 156 -16.79 0.65 -20.51
C ILE B 156 -16.38 2.06 -20.96
N ARG B 157 -15.38 2.62 -20.29
N ARG B 157 -15.37 2.62 -20.28
CA ARG B 157 -14.83 3.94 -20.62
CA ARG B 157 -14.82 3.94 -20.63
C ARG B 157 -13.64 3.87 -21.60
C ARG B 157 -13.61 3.88 -21.58
N ASP B 158 -13.31 2.68 -22.09
CA ASP B 158 -12.21 2.48 -23.06
C ASP B 158 -10.90 3.09 -22.57
N ARG B 159 -10.53 2.77 -21.34
CA ARG B 159 -9.36 3.38 -20.69
C ARG B 159 -8.11 2.99 -21.50
N PRO B 160 -7.15 3.92 -21.67
CA PRO B 160 -5.98 3.65 -22.50
C PRO B 160 -5.00 2.69 -21.84
N VAL B 161 -4.45 1.77 -22.64
CA VAL B 161 -3.30 0.97 -22.19
C VAL B 161 -2.00 1.70 -22.49
N SER B 162 -0.95 1.29 -21.77
CA SER B 162 0.43 1.63 -22.13
C SER B 162 1.26 0.36 -22.16
N ILE B 163 1.59 -0.11 -23.37
CA ILE B 163 2.36 -1.36 -23.53
C ILE B 163 3.80 -1.31 -22.98
N HIS B 164 4.30 -0.13 -22.62
CA HIS B 164 5.65 0.00 -22.03
C HIS B 164 5.66 0.11 -20.50
N SER B 165 4.50 0.15 -19.84
CA SER B 165 4.42 0.23 -18.39
C SER B 165 3.71 -1.01 -17.82
N HIS B 166 3.77 -1.20 -16.50
CA HIS B 166 2.99 -2.26 -15.85
C HIS B 166 1.48 -1.97 -16.00
N LEU B 167 0.66 -3.01 -16.14
CA LEU B 167 -0.81 -2.88 -16.03
C LEU B 167 -1.35 -3.82 -14.95
N VAL B 168 -2.18 -3.28 -14.05
CA VAL B 168 -2.86 -4.04 -12.99
C VAL B 168 -4.38 -3.88 -13.11
N LEU B 169 -5.11 -5.00 -13.16
CA LEU B 169 -6.58 -5.00 -13.30
C LEU B 169 -7.24 -5.70 -12.11
N PHE B 170 -8.04 -4.96 -11.33
CA PHE B 170 -8.84 -5.51 -10.22
C PHE B 170 -10.23 -5.97 -10.70
N GLN B 171 -10.87 -6.88 -9.96
CA GLN B 171 -12.29 -7.29 -10.24
C GLN B 171 -12.47 -7.93 -11.64
N VAL B 172 -11.45 -8.68 -12.06
CA VAL B 172 -11.51 -9.49 -13.29
C VAL B 172 -12.48 -10.70 -13.21
N GLY B 173 -12.83 -11.12 -12.00
CA GLY B 173 -13.79 -12.20 -11.78
C GLY B 173 -15.26 -11.82 -11.84
N CYS B 174 -15.58 -10.53 -12.06
CA CYS B 174 -16.99 -10.09 -12.19
C CYS B 174 -17.20 -8.99 -13.24
N VAL B 175 -16.74 -9.28 -14.45
CA VAL B 175 -16.85 -8.35 -15.57
C VAL B 175 -18.31 -8.09 -15.94
N GLY B 176 -18.74 -6.82 -15.85
CA GLY B 176 -20.11 -6.42 -16.20
C GLY B 176 -21.18 -6.80 -15.19
N ILE B 177 -20.78 -7.29 -14.01
CA ILE B 177 -21.72 -7.82 -13.01
C ILE B 177 -21.87 -6.78 -11.90
N ALA B 178 -23.11 -6.33 -11.71
CA ALA B 178 -23.46 -5.26 -10.75
C ALA B 178 -24.04 -5.77 -9.42
N ASP B 179 -24.35 -7.06 -9.33
CA ASP B 179 -24.99 -7.63 -8.14
C ASP B 179 -24.02 -8.59 -7.39
N PHE B 180 -24.56 -9.58 -6.67
CA PHE B 180 -23.80 -10.40 -5.75
C PHE B 180 -24.40 -11.81 -5.68
N ASN B 181 -23.58 -12.81 -5.37
CA ASN B 181 -24.05 -14.14 -4.99
C ASN B 181 -23.09 -14.75 -3.96
N PHE B 182 -23.64 -15.41 -2.94
CA PHE B 182 -22.84 -15.97 -1.84
C PHE B 182 -21.90 -17.09 -2.29
N THR B 183 -22.34 -17.91 -3.25
CA THR B 183 -21.55 -19.03 -3.77
C THR B 183 -20.46 -18.59 -4.73
N GLY B 184 -20.82 -17.74 -5.70
CA GLY B 184 -19.86 -17.22 -6.69
C GLY B 184 -20.51 -16.61 -7.92
N PHE B 185 -19.70 -15.89 -8.71
CA PHE B 185 -20.15 -15.25 -9.95
C PHE B 185 -20.16 -16.21 -11.13
N ASP B 186 -21.16 -16.06 -11.99
CA ASP B 186 -21.13 -16.62 -13.33
C ASP B 186 -20.48 -15.55 -14.20
N ASN B 187 -19.16 -15.67 -14.39
CA ASN B 187 -18.34 -14.66 -15.08
C ASN B 187 -18.40 -14.86 -16.60
N ASN B 188 -19.61 -14.87 -17.16
CA ASN B 188 -19.81 -15.23 -18.58
C ASN B 188 -19.57 -14.07 -19.57
N LYS B 189 -19.28 -12.86 -19.07
CA LYS B 189 -18.81 -11.75 -19.92
C LYS B 189 -17.27 -11.60 -19.90
N PHE B 190 -16.57 -12.55 -19.30
CA PHE B 190 -15.10 -12.56 -19.22
C PHE B 190 -14.44 -12.49 -20.61
N GLY B 191 -15.06 -13.12 -21.61
CA GLY B 191 -14.58 -13.06 -23.00
C GLY B 191 -14.45 -11.66 -23.61
N VAL B 192 -15.28 -10.72 -23.16
CA VAL B 192 -15.17 -9.31 -23.60
C VAL B 192 -13.84 -8.69 -23.11
N LEU B 193 -13.40 -9.05 -21.90
CA LEU B 193 -12.10 -8.59 -21.38
C LEU B 193 -10.96 -9.24 -22.16
N VAL B 194 -11.06 -10.55 -22.39
CA VAL B 194 -10.01 -11.28 -23.12
C VAL B 194 -9.82 -10.70 -24.53
N ASP B 195 -10.92 -10.36 -25.21
CA ASP B 195 -10.86 -9.70 -26.53
C ASP B 195 -10.10 -8.37 -26.51
N ARG B 196 -10.32 -7.55 -25.48
CA ARG B 196 -9.62 -6.26 -25.36
C ARG B 196 -8.12 -6.48 -25.20
N LEU B 197 -7.75 -7.44 -24.34
CA LEU B 197 -6.34 -7.75 -24.09
C LEU B 197 -5.64 -8.28 -25.36
N GLU B 198 -6.34 -9.09 -26.15
CA GLU B 198 -5.78 -9.62 -27.41
C GLU B 198 -5.51 -8.51 -28.41
N GLN B 199 -6.47 -7.59 -28.52
CA GLN B 199 -6.37 -6.42 -29.39
C GLN B 199 -5.17 -5.52 -29.05
N GLU B 200 -4.93 -5.30 -27.75
CA GLU B 200 -3.85 -4.41 -27.30
C GLU B 200 -2.47 -5.07 -27.21
N TYR B 201 -2.42 -6.33 -26.79
CA TYR B 201 -1.13 -7.03 -26.53
C TYR B 201 -0.78 -8.18 -27.49
N GLY B 202 -1.77 -8.69 -28.23
CA GLY B 202 -1.56 -9.86 -29.07
C GLY B 202 -1.84 -11.15 -28.32
N ALA B 203 -2.05 -12.20 -29.09
CA ALA B 203 -2.51 -13.49 -28.59
C ALA B 203 -1.51 -14.21 -27.70
N GLU B 204 -0.21 -14.04 -27.97
CA GLU B 204 0.87 -14.74 -27.24
C GLU B 204 1.52 -13.98 -26.06
N HIS B 205 1.07 -12.76 -25.79
CA HIS B 205 1.62 -11.97 -24.67
C HIS B 205 1.18 -12.56 -23.31
N PRO B 206 2.08 -12.54 -22.28
CA PRO B 206 1.72 -13.13 -20.98
C PRO B 206 0.69 -12.31 -20.17
N VAL B 207 -0.19 -13.01 -19.47
CA VAL B 207 -1.05 -12.41 -18.46
C VAL B 207 -0.85 -13.24 -17.19
N VAL B 208 -0.54 -12.59 -16.07
CA VAL B 208 -0.31 -13.30 -14.80
C VAL B 208 -1.59 -13.23 -13.93
N HIS B 209 -2.14 -14.39 -13.63
CA HIS B 209 -3.22 -14.54 -12.68
C HIS B 209 -2.66 -14.55 -11.26
N TYR B 210 -3.02 -13.53 -10.47
CA TYR B 210 -2.46 -13.32 -9.12
C TYR B 210 -3.53 -13.41 -8.06
N ILE B 211 -3.31 -14.29 -7.08
CA ILE B 211 -4.09 -14.32 -5.82
C ILE B 211 -3.11 -14.36 -4.65
N ALA B 212 -3.09 -13.28 -3.87
CA ALA B 212 -2.26 -13.19 -2.68
C ALA B 212 -2.74 -14.19 -1.66
N ALA B 213 -1.81 -14.80 -0.94
CA ALA B 213 -2.15 -15.74 0.13
C ALA B 213 -2.94 -15.01 1.23
N MET B 214 -4.06 -15.61 1.64
CA MET B 214 -4.90 -15.04 2.70
C MET B 214 -4.55 -15.62 4.09
N MET B 215 -4.15 -16.89 4.14
CA MET B 215 -3.66 -17.51 5.38
C MET B 215 -2.12 -17.49 5.43
N PRO B 216 -1.52 -17.38 6.63
CA PRO B 216 -0.05 -17.22 6.74
C PRO B 216 0.81 -18.37 6.18
N HIS B 217 0.28 -19.59 6.16
CA HIS B 217 0.99 -20.75 5.59
C HIS B 217 0.80 -20.97 4.07
N GLN B 218 -0.18 -20.29 3.46
CA GLN B 218 -0.48 -20.46 2.02
C GLN B 218 0.59 -19.84 1.11
N ASP B 219 0.75 -20.42 -0.06
CA ASP B 219 1.54 -19.82 -1.13
C ASP B 219 0.64 -18.93 -2.01
N PRO B 220 1.20 -17.86 -2.61
CA PRO B 220 0.38 -17.10 -3.55
C PRO B 220 0.23 -17.82 -4.88
N VAL B 221 -0.86 -17.53 -5.60
CA VAL B 221 -1.04 -17.98 -6.99
C VAL B 221 -0.35 -16.93 -7.87
N THR B 222 0.60 -17.39 -8.69
CA THR B 222 1.33 -16.53 -9.64
C THR B 222 1.47 -17.24 -11.00
N ASP B 223 0.34 -17.56 -11.62
CA ASP B 223 0.30 -18.41 -12.82
C ASP B 223 0.28 -17.59 -14.11
N LYS B 224 1.20 -17.86 -15.02
N LYS B 224 1.22 -17.87 -15.01
CA LYS B 224 1.31 -17.12 -16.27
CA LYS B 224 1.31 -17.18 -16.30
C LYS B 224 0.55 -17.86 -17.38
C LYS B 224 0.47 -17.90 -17.34
N TYR B 225 -0.30 -17.11 -18.10
CA TYR B 225 -1.11 -17.63 -19.22
C TYR B 225 -0.91 -16.70 -20.40
N THR B 226 -1.07 -17.21 -21.63
CA THR B 226 -1.13 -16.34 -22.80
C THR B 226 -2.52 -15.70 -22.84
N VAL B 227 -2.63 -14.53 -23.48
CA VAL B 227 -3.94 -13.89 -23.70
C VAL B 227 -4.92 -14.90 -24.34
N ALA B 228 -4.43 -15.69 -25.28
CA ALA B 228 -5.21 -16.75 -25.94
C ALA B 228 -5.67 -17.87 -25.00
N GLN B 229 -4.80 -18.30 -24.08
CA GLN B 229 -5.14 -19.34 -23.08
C GLN B 229 -6.28 -18.99 -22.10
N LEU B 230 -6.62 -17.70 -21.97
CA LEU B 230 -7.73 -17.29 -21.11
C LEU B 230 -9.14 -17.71 -21.61
N ARG B 231 -9.24 -18.31 -22.80
CA ARG B 231 -10.52 -18.86 -23.29
C ARG B 231 -10.77 -20.34 -22.96
N GLU B 232 -9.81 -21.01 -22.34
CA GLU B 232 -10.01 -22.41 -21.93
C GLU B 232 -10.84 -22.48 -20.64
N PRO B 233 -11.74 -23.48 -20.52
CA PRO B 233 -12.70 -23.46 -19.40
C PRO B 233 -12.07 -23.69 -18.02
N GLU B 234 -11.25 -24.75 -17.91
CA GLU B 234 -10.61 -25.11 -16.63
C GLU B 234 -9.67 -24.00 -16.13
N ILE B 235 -9.11 -23.21 -17.04
CA ILE B 235 -8.33 -22.01 -16.68
C ILE B 235 -9.23 -20.82 -16.31
N ALA B 236 -10.31 -20.59 -17.07
CA ALA B 236 -11.22 -19.47 -16.82
C ALA B 236 -11.93 -19.58 -15.47
N LYS B 237 -12.38 -20.78 -15.10
CA LYS B 237 -13.04 -21.00 -13.80
C LYS B 237 -12.14 -20.82 -12.56
N ARG B 238 -10.82 -20.78 -12.75
CA ARG B 238 -9.89 -20.41 -11.65
C ARG B 238 -9.98 -18.93 -11.25
N VAL B 239 -10.48 -18.08 -12.15
CA VAL B 239 -10.60 -16.63 -11.92
C VAL B 239 -11.86 -16.36 -11.09
N GLY B 240 -11.69 -15.88 -9.87
CA GLY B 240 -12.80 -15.69 -8.92
C GLY B 240 -12.83 -14.31 -8.30
N GLY B 241 -13.50 -14.19 -7.15
CA GLY B 241 -13.70 -12.91 -6.48
C GLY B 241 -12.46 -12.27 -5.85
N VAL B 242 -11.39 -13.03 -5.68
CA VAL B 242 -10.15 -12.49 -5.12
C VAL B 242 -8.99 -12.53 -6.15
N SER B 243 -9.34 -12.54 -7.43
CA SER B 243 -8.35 -12.55 -8.53
C SER B 243 -8.04 -11.16 -9.10
N THR B 244 -6.76 -10.92 -9.34
CA THR B 244 -6.25 -9.70 -9.96
C THR B 244 -5.37 -10.14 -11.12
N PHE B 245 -5.35 -9.38 -12.22
CA PHE B 245 -4.42 -9.64 -13.34
C PHE B 245 -3.28 -8.63 -13.38
N TYR B 246 -2.07 -9.14 -13.69
CA TYR B 246 -0.89 -8.32 -13.96
C TYR B 246 -0.47 -8.60 -15.39
N ILE B 247 -0.38 -7.55 -16.21
CA ILE B 247 0.10 -7.69 -17.61
C ILE B 247 1.42 -6.93 -17.72
N PRO B 248 2.53 -7.66 -17.97
CA PRO B 248 3.83 -7.00 -18.04
C PRO B 248 4.04 -6.22 -19.34
N PRO B 249 5.05 -5.33 -19.37
CA PRO B 249 5.35 -4.55 -20.59
C PRO B 249 5.71 -5.43 -21.79
N LYS B 250 5.33 -4.97 -22.98
CA LYS B 250 5.64 -5.66 -24.24
C LYS B 250 6.97 -5.21 -24.84
N ALA B 251 7.35 -3.95 -24.59
CA ALA B 251 8.57 -3.38 -25.16
C ALA B 251 9.12 -2.27 -24.28
N ARG B 252 10.31 -1.78 -24.64
CA ARG B 252 10.97 -0.71 -23.91
C ARG B 252 10.88 0.58 -24.70
N LYS B 253 10.45 1.66 -24.04
CA LYS B 253 10.24 2.95 -24.72
C LYS B 253 11.58 3.68 -24.90
N ALA B 254 11.77 4.34 -26.05
CA ALA B 254 13.01 5.08 -26.31
C ALA B 254 13.15 6.31 -25.41
N SER B 255 14.38 6.71 -25.12
CA SER B 255 14.63 7.94 -24.35
C SER B 255 14.46 9.17 -25.26
N ASN B 256 13.98 10.26 -24.66
CA ASN B 256 13.83 11.53 -25.35
C ASN B 256 15.15 12.30 -25.24
N LEU B 257 15.85 12.46 -26.35
CA LEU B 257 17.15 13.15 -26.36
C LEU B 257 17.10 14.62 -25.97
N ASP B 258 16.02 15.32 -26.34
N ASP B 258 16.03 15.33 -26.35
CA ASP B 258 15.88 16.74 -26.00
CA ASP B 258 15.88 16.74 -25.99
C ASP B 258 15.74 16.95 -24.49
C ASP B 258 15.76 16.94 -24.48
N ILE B 259 15.00 16.07 -23.83
CA ILE B 259 14.85 16.09 -22.35
C ILE B 259 16.16 15.77 -21.64
N ILE B 260 16.86 14.75 -22.13
CA ILE B 260 18.18 14.37 -21.61
C ILE B 260 19.15 15.57 -21.59
N ARG B 261 19.13 16.39 -22.64
CA ARG B 261 19.96 17.60 -22.69
C ARG B 261 19.45 18.72 -21.78
N ARG B 262 18.14 18.94 -21.75
CA ARG B 262 17.55 19.93 -20.83
C ARG B 262 17.83 19.61 -19.36
N LEU B 263 17.83 18.31 -19.01
CA LEU B 263 18.19 17.86 -17.66
C LEU B 263 19.72 17.77 -17.44
N GLU B 264 20.52 18.03 -18.49
CA GLU B 264 21.99 17.98 -18.40
C GLU B 264 22.52 16.62 -17.96
N LEU B 265 21.84 15.56 -18.38
CA LEU B 265 22.24 14.19 -18.10
C LEU B 265 23.32 13.71 -19.04
N LEU B 266 23.35 14.28 -20.24
CA LEU B 266 24.42 14.11 -21.23
C LEU B 266 24.64 15.43 -22.00
N PRO B 267 25.89 15.71 -22.42
CA PRO B 267 26.07 16.87 -23.29
C PRO B 267 25.59 16.61 -24.72
N ALA B 268 25.43 17.70 -25.46
CA ALA B 268 25.16 17.63 -26.89
C ALA B 268 26.23 16.76 -27.59
N GLY B 269 25.79 16.03 -28.61
CA GLY B 269 26.64 15.09 -29.35
C GLY B 269 26.69 13.65 -28.85
N GLN B 270 26.25 13.39 -27.63
CA GLN B 270 26.27 12.05 -27.03
C GLN B 270 24.88 11.44 -26.92
N VAL B 271 24.76 10.13 -27.15
CA VAL B 271 23.47 9.42 -27.03
C VAL B 271 23.51 8.37 -25.91
N PRO B 272 22.35 8.09 -25.27
CA PRO B 272 22.35 7.12 -24.17
C PRO B 272 22.76 5.71 -24.57
N ASP B 273 23.22 4.96 -23.58
CA ASP B 273 23.55 3.55 -23.74
C ASP B 273 22.22 2.79 -23.72
N LYS B 274 21.78 2.30 -24.89
CA LYS B 274 20.50 1.57 -25.02
C LYS B 274 20.55 0.21 -24.33
N LYS B 275 21.70 -0.46 -24.42
CA LYS B 275 21.94 -1.74 -23.75
C LYS B 275 22.46 -1.47 -22.33
N ALA B 276 21.57 -0.91 -21.51
CA ALA B 276 21.83 -0.63 -20.11
C ALA B 276 20.49 -0.76 -19.37
N ARG B 277 20.50 -1.47 -18.25
CA ARG B 277 19.29 -1.77 -17.49
C ARG B 277 19.64 -1.83 -16.00
N ILE B 278 18.65 -1.55 -15.14
CA ILE B 278 18.84 -1.71 -13.70
C ILE B 278 18.59 -3.17 -13.32
N TYR B 279 19.50 -3.76 -12.54
CA TYR B 279 19.31 -5.12 -12.01
C TYR B 279 18.24 -5.10 -10.86
N PRO B 280 17.32 -6.06 -10.76
CA PRO B 280 17.16 -7.21 -11.65
C PRO B 280 16.15 -6.96 -12.76
N ALA B 281 16.18 -7.80 -13.79
CA ALA B 281 15.19 -7.77 -14.87
C ALA B 281 13.83 -8.23 -14.34
N ASN B 282 12.75 -7.70 -14.92
CA ASN B 282 11.39 -8.20 -14.69
C ASN B 282 11.26 -9.65 -15.20
N GLN B 283 11.04 -10.60 -14.29
CA GLN B 283 10.99 -12.02 -14.66
C GLN B 283 9.81 -12.41 -15.60
N TRP B 284 8.74 -11.58 -15.62
CA TRP B 284 7.49 -11.87 -16.34
C TRP B 284 7.44 -11.34 -17.79
N GLU B 285 8.35 -10.43 -18.14
CA GLU B 285 8.38 -9.87 -19.49
C GLU B 285 8.79 -10.95 -20.51
N PRO B 286 8.17 -10.92 -21.70
CA PRO B 286 8.47 -11.93 -22.72
C PRO B 286 9.85 -11.69 -23.34
N ASP B 287 10.70 -12.72 -23.29
CA ASP B 287 12.00 -12.73 -23.98
C ASP B 287 12.87 -11.51 -23.65
N VAL B 288 13.17 -11.35 -22.37
CA VAL B 288 14.10 -10.32 -21.89
C VAL B 288 15.15 -11.00 -21.00
N PRO B 289 16.45 -10.87 -21.37
CA PRO B 289 17.50 -11.55 -20.61
C PRO B 289 17.76 -10.90 -19.25
N GLU B 290 18.34 -11.67 -18.33
CA GLU B 290 18.67 -11.15 -17.00
C GLU B 290 19.90 -10.23 -17.10
N VAL B 291 19.84 -9.15 -16.31
CA VAL B 291 20.89 -8.13 -16.28
C VAL B 291 22.02 -8.63 -15.38
N GLU B 292 23.25 -8.18 -15.63
CA GLU B 292 24.40 -8.56 -14.78
C GLU B 292 24.38 -7.78 -13.46
N PRO B 293 24.39 -8.49 -12.30
CA PRO B 293 24.45 -7.78 -11.01
C PRO B 293 25.82 -7.19 -10.63
N TYR B 294 26.91 -7.77 -11.15
CA TYR B 294 28.27 -7.34 -10.81
C TYR B 294 29.05 -6.78 -12.00
N ARG B 295 28.63 -5.60 -12.45
CA ARG B 295 29.42 -4.78 -13.40
C ARG B 295 30.69 -4.25 -12.70
N PRO B 296 31.70 -3.80 -13.48
CA PRO B 296 32.92 -3.28 -12.82
C PRO B 296 32.68 -2.15 -11.79
N SER B 297 31.77 -1.21 -12.11
CA SER B 297 31.39 -0.16 -11.16
C SER B 297 30.74 -0.72 -9.87
N ASP B 298 29.92 -1.77 -10.01
CA ASP B 298 29.37 -2.49 -8.83
C ASP B 298 30.48 -3.13 -8.01
N GLN B 299 31.39 -3.82 -8.69
CA GLN B 299 32.52 -4.49 -8.02
C GLN B 299 33.45 -3.51 -7.27
N ALA B 300 33.59 -2.30 -7.79
CA ALA B 300 34.37 -1.25 -7.12
C ALA B 300 33.67 -0.72 -5.86
N ALA B 301 32.35 -0.58 -5.91
CA ALA B 301 31.58 -0.17 -4.73
C ALA B 301 31.70 -1.17 -3.58
N ILE B 302 31.68 -2.47 -3.92
CA ILE B 302 31.80 -3.55 -2.93
C ILE B 302 33.20 -3.57 -2.31
N ALA B 303 34.22 -3.21 -3.09
CA ALA B 303 35.59 -3.10 -2.57
C ALA B 303 35.71 -2.00 -1.49
N GLN B 304 34.98 -0.90 -1.66
CA GLN B 304 35.00 0.22 -0.70
C GLN B 304 34.41 -0.10 0.69
N LEU B 305 33.68 -1.22 0.83
CA LEU B 305 33.15 -1.67 2.14
C LEU B 305 34.23 -2.03 3.16
N ALA B 306 35.26 -2.74 2.71
CA ALA B 306 36.40 -3.13 3.57
C ALA B 306 36.99 -1.94 4.30
N ASP B 307 37.20 -0.85 3.56
CA ASP B 307 37.64 0.43 4.11
C ASP B 307 36.57 1.08 5.00
N HIS B 308 35.38 1.23 4.44
CA HIS B 308 34.32 2.17 4.90
C HIS B 308 34.20 2.47 6.40
N ALA B 309 33.98 3.75 6.70
CA ALA B 309 33.51 4.24 8.00
C ALA B 309 32.45 5.33 7.75
N PRO B 310 31.67 5.70 8.79
CA PRO B 310 30.61 6.72 8.60
C PRO B 310 31.13 8.09 8.15
N PRO B 311 30.40 8.79 7.25
CA PRO B 311 30.75 10.18 6.88
C PRO B 311 30.64 11.16 8.05
N GLU B 312 31.35 12.29 7.95
N GLU B 312 31.35 12.29 7.95
CA GLU B 312 31.36 13.33 9.00
CA GLU B 312 31.35 13.30 9.02
C GLU B 312 29.98 13.97 9.23
C GLU B 312 29.99 14.00 9.22
N GLN B 313 29.17 14.06 8.18
CA GLN B 313 27.82 14.65 8.26
C GLN B 313 26.73 13.63 8.67
N TYR B 314 27.09 12.36 8.84
CA TYR B 314 26.15 11.33 9.34
C TYR B 314 25.80 11.61 10.79
N GLN B 315 24.50 11.59 11.09
CA GLN B 315 23.95 11.96 12.40
C GLN B 315 23.48 10.70 13.16
N PRO B 316 24.34 10.12 14.03
CA PRO B 316 23.89 8.94 14.80
C PRO B 316 22.77 9.23 15.81
N LEU B 317 21.87 8.26 16.01
CA LEU B 317 20.80 8.41 17.01
C LEU B 317 21.41 8.45 18.43
N ALA B 318 20.94 9.39 19.24
CA ALA B 318 21.38 9.51 20.63
C ALA B 318 20.24 10.16 21.42
N THR B 319 19.34 9.32 21.93
CA THR B 319 18.13 9.80 22.61
C THR B 319 18.13 9.25 24.03
N SER B 320 17.00 9.37 24.72
CA SER B 320 16.88 8.90 26.09
C SER B 320 15.72 7.93 26.17
N LYS B 321 15.67 7.19 27.27
CA LYS B 321 14.55 6.28 27.53
C LYS B 321 13.24 7.07 27.65
N ALA B 322 13.27 8.19 28.36
CA ALA B 322 12.05 9.01 28.54
C ALA B 322 11.51 9.55 27.21
N MET B 323 12.41 10.02 26.34
CA MET B 323 11.98 10.57 25.05
C MET B 323 11.46 9.48 24.10
N SER B 324 12.22 8.39 23.94
CA SER B 324 11.79 7.28 23.09
C SER B 324 10.45 6.71 23.55
N ASP B 325 10.29 6.49 24.85
CA ASP B 325 9.02 6.02 25.43
C ASP B 325 7.81 6.91 25.06
N VAL B 326 7.95 8.23 25.17
CA VAL B 326 6.78 9.11 24.92
C VAL B 326 6.46 9.17 23.43
N MET B 327 7.47 9.21 22.57
CA MET B 327 7.23 9.18 21.13
C MET B 327 6.55 7.87 20.68
N THR B 328 6.95 6.76 21.26
CA THR B 328 6.29 5.47 21.06
C THR B 328 4.82 5.50 21.56
N LYS B 329 4.63 6.07 22.75
CA LYS B 329 3.30 6.20 23.34
C LYS B 329 2.33 7.01 22.46
N LEU B 330 2.81 8.10 21.89
CA LEU B 330 1.97 8.93 21.00
C LEU B 330 1.51 8.17 19.75
N ALA B 331 2.35 7.25 19.26
CA ALA B 331 1.98 6.38 18.13
C ALA B 331 1.05 5.21 18.50
N LEU B 332 1.14 4.69 19.73
CA LEU B 332 0.40 3.47 20.11
C LEU B 332 -0.79 3.66 21.08
N ASP B 333 -0.96 4.86 21.63
CA ASP B 333 -2.04 5.17 22.58
C ASP B 333 -2.85 6.35 22.05
N PRO B 334 -4.01 6.08 21.40
CA PRO B 334 -4.81 7.18 20.83
C PRO B 334 -5.27 8.24 21.83
N LYS B 335 -5.46 7.85 23.09
CA LYS B 335 -5.87 8.78 24.15
C LYS B 335 -4.74 9.74 24.55
N ALA B 336 -3.52 9.24 24.63
CA ALA B 336 -2.34 10.08 24.89
C ALA B 336 -2.12 11.09 23.76
N LEU B 337 -2.31 10.64 22.52
CA LEU B 337 -2.21 11.53 21.36
C LEU B 337 -3.20 12.69 21.45
N ALA B 338 -4.46 12.36 21.73
CA ALA B 338 -5.52 13.37 21.89
C ALA B 338 -5.16 14.42 22.95
N ASP B 339 -4.64 13.95 24.08
CA ASP B 339 -4.20 14.84 25.17
C ASP B 339 -3.07 15.75 24.75
N TYR B 340 -2.07 15.19 24.06
CA TYR B 340 -0.98 15.99 23.53
C TYR B 340 -1.47 17.09 22.59
N LYS B 341 -2.37 16.73 21.67
CA LYS B 341 -2.91 17.67 20.70
C LYS B 341 -3.75 18.78 21.34
N ALA B 342 -4.49 18.43 22.39
CA ALA B 342 -5.31 19.41 23.13
C ALA B 342 -4.47 20.48 23.84
N ASP B 343 -3.29 20.10 24.35
CA ASP B 343 -2.40 21.04 25.05
C ASP B 343 -0.95 20.50 25.13
N HIS B 344 -0.12 20.93 24.18
CA HIS B 344 1.30 20.54 24.11
C HIS B 344 2.07 20.77 25.40
N ARG B 345 1.94 21.98 25.96
CA ARG B 345 2.69 22.38 27.14
C ARG B 345 2.38 21.51 28.35
N ALA B 346 1.09 21.38 28.66
CA ALA B 346 0.64 20.59 29.82
C ALA B 346 1.01 19.11 29.73
N PHE B 347 0.84 18.53 28.54
CA PHE B 347 1.29 17.16 28.29
C PHE B 347 2.80 17.03 28.52
N ALA B 348 3.58 17.91 27.90
CA ALA B 348 5.04 17.93 28.05
C ALA B 348 5.53 18.02 29.51
N GLN B 349 4.85 18.84 30.32
CA GLN B 349 5.15 18.95 31.75
C GLN B 349 4.77 17.70 32.56
N SER B 350 3.77 16.96 32.10
CA SER B 350 3.33 15.71 32.75
C SER B 350 4.31 14.52 32.60
N VAL B 351 5.18 14.55 31.59
CA VAL B 351 6.07 13.41 31.31
C VAL B 351 7.30 13.47 32.20
N PRO B 352 7.51 12.45 33.07
CA PRO B 352 8.72 12.48 33.90
C PRO B 352 10.03 12.32 33.11
N ASP B 353 11.11 12.85 33.68
CA ASP B 353 12.49 12.53 33.29
C ASP B 353 13.04 13.12 31.98
N LEU B 354 12.22 13.88 31.24
CA LEU B 354 12.70 14.57 30.03
C LEU B 354 13.69 15.66 30.41
N THR B 355 14.71 15.86 29.58
CA THR B 355 15.67 16.96 29.76
C THR B 355 15.01 18.29 29.38
N PRO B 356 15.66 19.44 29.70
CA PRO B 356 15.16 20.74 29.22
C PRO B 356 14.97 20.83 27.70
N GLN B 357 15.97 20.39 26.93
N GLN B 357 15.98 20.39 26.94
CA GLN B 357 15.89 20.39 25.46
CA GLN B 357 15.90 20.37 25.47
C GLN B 357 14.78 19.45 24.95
C GLN B 357 14.80 19.43 24.94
N GLU B 358 14.67 18.26 25.55
CA GLU B 358 13.61 17.29 25.20
C GLU B 358 12.21 17.85 25.48
N ARG B 359 12.03 18.42 26.67
CA ARG B 359 10.75 19.01 27.08
C ARG B 359 10.36 20.17 26.15
N ALA B 360 11.32 21.03 25.83
CA ALA B 360 11.11 22.15 24.91
C ALA B 360 10.76 21.68 23.51
N ALA B 361 11.49 20.69 23.00
CA ALA B 361 11.20 20.12 21.66
C ALA B 361 9.81 19.50 21.59
N LEU B 362 9.38 18.86 22.68
CA LEU B 362 8.03 18.29 22.78
C LEU B 362 6.98 19.39 22.96
N GLU B 363 7.33 20.43 23.72
CA GLU B 363 6.48 21.62 23.88
C GLU B 363 6.20 22.30 22.52
N LEU B 364 7.23 22.47 21.71
CA LEU B 364 7.07 23.03 20.37
C LEU B 364 6.31 22.08 19.45
N GLY B 365 6.75 20.82 19.40
CA GLY B 365 6.17 19.82 18.51
C GLY B 365 6.68 19.82 17.07
N ASP B 366 7.53 20.79 16.72
CA ASP B 366 8.01 20.93 15.34
C ASP B 366 9.03 19.85 15.02
N SER B 367 8.99 19.39 13.77
CA SER B 367 9.84 18.31 13.28
C SER B 367 11.35 18.59 13.46
N TRP B 368 11.78 19.82 13.15
CA TRP B 368 13.19 20.21 13.32
C TRP B 368 13.66 20.05 14.76
N ALA B 369 12.79 20.40 15.70
CA ALA B 369 13.09 20.37 17.12
C ALA B 369 13.30 18.95 17.65
N ILE B 370 12.38 18.05 17.30
CA ILE B 370 12.43 16.66 17.76
C ILE B 370 13.66 15.94 17.20
N ARG B 371 14.02 16.23 15.96
CA ARG B 371 15.25 15.70 15.35
C ARG B 371 16.51 16.18 16.05
N CYS B 372 16.57 17.48 16.38
CA CYS B 372 17.68 18.03 17.19
C CYS B 372 17.80 17.40 18.57
N ALA B 373 16.65 17.10 19.19
CA ALA B 373 16.62 16.50 20.53
C ALA B 373 17.03 15.02 20.54
N MET B 374 16.84 14.31 19.43
CA MET B 374 17.08 12.86 19.36
C MET B 374 18.34 12.43 18.59
N LYS B 375 18.97 13.36 17.84
CA LYS B 375 20.17 13.04 17.03
C LYS B 375 21.38 13.89 17.41
N ASN B 376 22.56 13.27 17.44
CA ASN B 376 23.83 13.97 17.62
C ASN B 376 24.15 14.78 16.34
N MET B 377 24.23 16.11 16.47
CA MET B 377 24.38 17.01 15.31
C MET B 377 25.85 17.44 15.15
N PRO B 378 26.42 17.30 13.93
CA PRO B 378 27.77 17.85 13.68
C PRO B 378 27.79 19.37 13.61
N MVA B 405 15.00 16.66 5.71
CN MVA B 405 14.57 17.75 4.85
CA MVA B 405 14.43 15.31 5.71
CB MVA B 405 12.96 15.32 6.15
CG1 MVA B 405 12.78 16.05 7.48
CG2 MVA B 405 12.38 13.90 6.21
C MVA B 405 14.61 14.58 4.38
O MVA B 405 13.79 14.79 3.47
N IML B 406 15.65 13.73 4.22
CA IML B 406 16.05 13.25 2.87
C IML B 406 16.04 11.71 2.74
O IML B 406 17.08 11.08 2.99
CB IML B 406 17.40 13.85 2.39
CN IML B 406 16.39 13.17 5.35
CG2 IML B 406 17.76 13.38 0.97
CG1 IML B 406 17.39 15.38 2.49
CD1 IML B 406 18.04 15.93 3.75
N SAR B 407 14.92 11.09 2.32
CA SAR B 407 14.89 9.62 2.16
C SAR B 407 14.64 9.15 0.75
O SAR B 407 13.58 8.59 0.48
CN SAR B 407 13.64 11.74 2.03
N VAL B 408 15.60 9.37 -0.15
CA VAL B 408 15.50 8.95 -1.56
C VAL B 408 16.33 7.66 -1.79
N ILE B 409 15.65 6.52 -1.65
CA ILE B 409 16.11 5.16 -2.01
C ILE B 409 15.66 4.65 -3.40
N GLY B 410 15.12 5.53 -4.24
CA GLY B 410 14.49 5.15 -5.52
C GLY B 410 15.39 5.39 -6.72
N SAM C . 9.20 3.27 -0.18
CA SAM C . 8.63 4.61 -0.03
C SAM C . 7.11 4.45 0.00
O SAM C . 6.62 3.33 0.30
OXT SAM C . 6.39 5.45 -0.25
CB SAM C . 9.13 5.59 -1.13
CG SAM C . 10.66 5.87 -1.18
SD SAM C . 11.24 6.88 -2.42
CE SAM C . 12.84 6.69 -2.40
C5' SAM C . 11.07 8.53 -2.00
C4' SAM C . 9.78 9.22 -2.49
O4' SAM C . 8.63 8.75 -1.74
C3' SAM C . 9.71 10.73 -2.28
O3' SAM C . 10.46 11.51 -3.22
C2' SAM C . 8.23 10.99 -2.33
O2' SAM C . 7.74 11.00 -3.68
C1' SAM C . 7.67 9.78 -1.57
N9 SAM C . 7.51 10.06 -0.11
C8 SAM C . 8.30 9.66 0.92
N7 SAM C . 7.81 10.12 2.11
C5 SAM C . 6.69 10.80 1.82
C6 SAM C . 5.70 11.56 2.61
N6 SAM C . 5.83 11.64 3.95
N1 SAM C . 4.65 12.15 1.96
C2 SAM C . 4.55 12.07 0.61
N3 SAM C . 5.41 11.40 -0.18
C4 SAM C . 6.51 10.77 0.37
C1 EDO D . 27.40 -6.92 8.57
O1 EDO D . 26.98 -5.73 9.26
C2 EDO D . 27.48 -6.63 7.07
O2 EDO D . 27.41 -7.85 6.32
MG MG E . -9.02 6.72 0.01
N SAM F . -9.71 -3.02 -0.38
CA SAM F . -9.17 -4.19 -1.10
C SAM F . -7.67 -4.00 -1.27
O SAM F . -7.02 -4.70 -2.10
OXT SAM F . -7.09 -3.15 -0.56
CB SAM F . -9.86 -4.46 -2.46
CG SAM F . -11.40 -4.62 -2.43
SD SAM F . -12.23 -4.94 -3.91
CE SAM F . -13.79 -4.80 -3.56
C5' SAM F . -12.02 -6.54 -4.44
C4' SAM F . -10.87 -6.82 -5.43
O4' SAM F . -9.59 -6.77 -4.77
C3' SAM F . -10.84 -8.21 -6.07
O3' SAM F . -11.73 -8.35 -7.18
C2' SAM F . -9.39 -8.37 -6.47
O2' SAM F . -9.12 -7.70 -7.70
C1' SAM F . -8.66 -7.68 -5.31
N9 SAM F . -8.25 -8.70 -4.30
C8 SAM F . -8.84 -8.94 -3.10
N7 SAM F . -8.23 -9.94 -2.42
C5 SAM F . -7.17 -10.32 -3.20
C6 SAM F . -6.12 -11.35 -3.09
N6 SAM F . -6.06 -12.13 -1.99
N1 SAM F . -5.22 -11.46 -4.12
C2 SAM F . -5.30 -10.67 -5.21
N3 SAM F . -6.24 -9.72 -5.38
C4 SAM F . -7.19 -9.52 -4.43
MG MG G . 7.89 -5.06 -4.49
#